data_5UXD
#
_entry.id   5UXD
#
_cell.length_a   55.050
_cell.length_b   81.210
_cell.length_c   71.340
_cell.angle_alpha   90.00
_cell.angle_beta   96.83
_cell.angle_gamma   90.00
#
_symmetry.space_group_name_H-M   'P 1 21 1'
#
loop_
_entity.id
_entity.type
_entity.pdbx_description
1 polymer "Macrolide 2'-phosphotransferase MphH"
2 non-polymer AZITHROMYCIN
3 non-polymer 'SULFATE ION'
4 non-polymer 'CHLORIDE ION'
5 water water
#
_entity_poly.entity_id   1
_entity_poly.type   'polypeptide(L)'
_entity_poly.pdbx_seq_one_letter_code
;QSMPEDLDALLDLAARHGLDLDGGTLRTEEIGLDFRVAFARAHDGGDWVLRLPRRPDVLERAAVEGRLLAMLAPHLDVAV
PDWRISTSELIAYPLLPGSPGLTVAADGEVSWHVDMASTVYARSLGSVVAQLHAVDAEAAAATGIEVRSPAQVRGAWRQD
LARVGAEFEIAPALRERWEAWLADDGCWPGHSVLTHGELYPAHTLVEDERITAVLDWTTAAVGDPAKDLMFHQVSAPSAI
FEVALQAYAEGGGRPWPGLARHCTEMFSAAPLGYGLYALATGEAAHREAAAAALNPPEER
;
_entity_poly.pdbx_strand_id   A,B
#
loop_
_chem_comp.id
_chem_comp.type
_chem_comp.name
_chem_comp.formula
CL non-polymer 'CHLORIDE ION' 'Cl -1'
SO4 non-polymer 'SULFATE ION' 'O4 S -2'
ZIT non-polymer AZITHROMYCIN 'C38 H72 N2 O12'
#
# COMPACT_ATOMS: atom_id res chain seq x y z
N GLN A 1 -12.50 -5.69 18.21
CA GLN A 1 -13.20 -6.18 17.03
C GLN A 1 -14.71 -5.99 17.16
N SER A 2 -15.48 -6.78 16.40
CA SER A 2 -16.91 -6.54 16.26
C SER A 2 -17.74 -7.71 16.75
N MET A 3 -19.00 -7.44 17.11
CA MET A 3 -19.96 -8.45 17.55
C MET A 3 -20.65 -8.99 16.29
N PRO A 4 -20.49 -10.29 16.00
CA PRO A 4 -20.99 -10.87 14.75
C PRO A 4 -22.50 -10.98 14.73
N GLU A 5 -23.05 -10.88 13.52
CA GLU A 5 -24.50 -11.02 13.36
C GLU A 5 -24.94 -12.48 13.36
N ASP A 6 -24.05 -13.40 12.96
CA ASP A 6 -24.35 -14.84 13.05
C ASP A 6 -23.89 -15.44 14.38
N LEU A 7 -24.16 -14.74 15.48
CA LEU A 7 -23.76 -15.23 16.80
C LEU A 7 -24.32 -16.62 17.08
N ASP A 8 -25.59 -16.86 16.73
CA ASP A 8 -26.22 -18.13 17.07
C ASP A 8 -25.58 -19.29 16.31
N ALA A 9 -25.27 -19.08 15.03
CA ALA A 9 -24.60 -20.13 14.27
C ALA A 9 -23.22 -20.44 14.86
N LEU A 10 -22.50 -19.42 15.34
CA LEU A 10 -21.16 -19.66 15.90
C LEU A 10 -21.24 -20.39 17.23
N LEU A 11 -22.22 -20.03 18.06
CA LEU A 11 -22.38 -20.72 19.33
C LEU A 11 -22.76 -22.17 19.11
N ASP A 12 -23.60 -22.44 18.10
CA ASP A 12 -23.98 -23.80 17.77
C ASP A 12 -22.76 -24.59 17.31
N LEU A 13 -21.90 -23.96 16.52
CA LEU A 13 -20.71 -24.64 16.01
C LEU A 13 -19.79 -25.07 17.14
N ALA A 14 -19.50 -24.15 18.06
CA ALA A 14 -18.71 -24.50 19.24
C ALA A 14 -19.43 -25.54 20.10
N ALA A 15 -20.75 -25.37 20.30
CA ALA A 15 -21.48 -26.27 21.19
C ALA A 15 -21.41 -27.70 20.69
N ARG A 16 -21.56 -27.91 19.38
CA ARG A 16 -21.54 -29.27 18.86
C ARG A 16 -20.16 -29.92 18.95
N HIS A 17 -19.11 -29.14 19.28
CA HIS A 17 -17.79 -29.69 19.53
C HIS A 17 -17.44 -29.69 21.01
N GLY A 18 -18.43 -29.53 21.88
CA GLY A 18 -18.22 -29.58 23.31
C GLY A 18 -17.79 -28.30 23.99
N LEU A 19 -17.82 -27.17 23.27
CA LEU A 19 -17.35 -25.89 23.83
C LEU A 19 -18.54 -24.95 24.00
N ASP A 20 -18.86 -24.66 25.25
CA ASP A 20 -20.03 -23.86 25.63
C ASP A 20 -19.55 -22.44 25.92
N LEU A 21 -19.95 -21.50 25.06
CA LEU A 21 -19.45 -20.13 25.10
C LEU A 21 -20.51 -19.13 25.58
N ASP A 22 -20.04 -18.09 26.25
CA ASP A 22 -20.87 -16.95 26.63
C ASP A 22 -20.96 -16.03 25.42
N GLY A 23 -22.12 -16.06 24.74
CA GLY A 23 -22.26 -15.31 23.49
C GLY A 23 -22.11 -13.81 23.68
N GLY A 24 -22.41 -13.31 24.88
CA GLY A 24 -22.22 -11.90 25.16
C GLY A 24 -20.79 -11.43 24.99
N THR A 25 -19.82 -12.34 25.04
CA THR A 25 -18.42 -12.03 24.93
C THR A 25 -17.85 -12.28 23.55
N LEU A 26 -18.66 -12.77 22.59
CA LEU A 26 -18.10 -13.26 21.34
C LEU A 26 -17.79 -12.10 20.41
N ARG A 27 -16.59 -12.11 19.83
CA ARG A 27 -16.15 -11.13 18.85
C ARG A 27 -15.48 -11.88 17.70
N THR A 28 -15.44 -11.26 16.53
CA THR A 28 -14.82 -11.91 15.38
C THR A 28 -13.81 -10.98 14.72
N GLU A 29 -12.77 -11.60 14.15
CA GLU A 29 -11.87 -10.96 13.19
C GLU A 29 -12.14 -11.58 11.83
N GLU A 30 -12.64 -10.77 10.89
CA GLU A 30 -13.07 -11.25 9.59
C GLU A 30 -12.03 -11.10 8.50
N ILE A 31 -10.85 -10.54 8.81
CA ILE A 31 -9.94 -10.10 7.74
C ILE A 31 -9.05 -11.20 7.19
N GLY A 32 -9.00 -12.37 7.82
CA GLY A 32 -8.09 -13.41 7.35
C GLY A 32 -8.56 -14.00 6.03
N LEU A 33 -7.58 -14.30 5.16
CA LEU A 33 -7.90 -14.85 3.85
C LEU A 33 -8.18 -16.35 3.90
N ASP A 34 -7.64 -17.06 4.90
CA ASP A 34 -7.84 -18.50 5.00
C ASP A 34 -8.74 -18.93 6.15
N PHE A 35 -8.86 -18.13 7.21
CA PHE A 35 -9.68 -18.50 8.35
C PHE A 35 -10.49 -17.29 8.81
N ARG A 36 -11.69 -17.57 9.30
CA ARG A 36 -12.42 -16.62 10.13
C ARG A 36 -12.05 -16.93 11.58
N VAL A 37 -11.82 -15.89 12.38
CA VAL A 37 -11.35 -16.06 13.75
C VAL A 37 -12.36 -15.45 14.71
N ALA A 38 -12.69 -16.19 15.77
CA ALA A 38 -13.56 -15.68 16.82
C ALA A 38 -12.91 -15.86 18.18
N PHE A 39 -13.21 -14.93 19.09
CA PHE A 39 -12.78 -14.98 20.47
C PHE A 39 -14.00 -14.93 21.39
N ALA A 40 -14.03 -15.80 22.40
CA ALA A 40 -15.13 -15.76 23.35
C ALA A 40 -14.66 -16.34 24.68
N ARG A 41 -15.41 -16.02 25.72
CA ARG A 41 -15.22 -16.64 27.02
C ARG A 41 -16.12 -17.87 27.14
N ALA A 42 -15.58 -18.95 27.69
CA ALA A 42 -16.40 -20.12 27.93
C ALA A 42 -17.19 -19.96 29.22
N HIS A 43 -18.22 -20.79 29.37
CA HIS A 43 -19.10 -20.68 30.54
C HIS A 43 -18.35 -20.87 31.85
N ASP A 44 -17.23 -21.57 31.83
CA ASP A 44 -16.40 -21.70 33.01
C ASP A 44 -15.37 -20.58 33.17
N GLY A 45 -15.45 -19.55 32.32
CA GLY A 45 -14.63 -18.36 32.47
C GLY A 45 -13.38 -18.32 31.62
N GLY A 46 -12.96 -19.44 31.02
CA GLY A 46 -11.74 -19.44 30.24
C GLY A 46 -11.92 -18.73 28.90
N ASP A 47 -10.85 -18.06 28.45
CA ASP A 47 -10.84 -17.37 27.17
C ASP A 47 -10.40 -18.32 26.06
N TRP A 48 -11.08 -18.24 24.91
CA TRP A 48 -10.89 -19.15 23.81
C TRP A 48 -10.68 -18.40 22.51
N VAL A 49 -9.91 -19.02 21.60
CA VAL A 49 -9.79 -18.58 20.22
C VAL A 49 -10.38 -19.66 19.33
N LEU A 50 -11.17 -19.25 18.34
CA LEU A 50 -11.77 -20.15 17.38
CA LEU A 50 -11.79 -20.14 17.38
C LEU A 50 -11.27 -19.79 15.99
N ARG A 51 -10.80 -20.80 15.25
CA ARG A 51 -10.37 -20.61 13.87
C ARG A 51 -11.31 -21.40 12.96
N LEU A 52 -11.96 -20.71 12.04
CA LEU A 52 -12.93 -21.36 11.15
C LEU A 52 -12.36 -21.45 9.74
N PRO A 53 -12.04 -22.66 9.24
CA PRO A 53 -11.45 -22.77 7.90
C PRO A 53 -12.42 -22.33 6.82
N ARG A 54 -11.97 -21.38 5.98
CA ARG A 54 -12.84 -20.82 4.95
C ARG A 54 -13.08 -21.78 3.79
N ARG A 55 -12.12 -22.64 3.48
CA ARG A 55 -12.17 -23.54 2.34
C ARG A 55 -11.47 -24.83 2.71
N PRO A 56 -11.86 -25.97 2.14
CA PRO A 56 -11.14 -27.22 2.41
C PRO A 56 -9.65 -27.16 2.08
N ASP A 57 -9.22 -26.29 1.17
CA ASP A 57 -7.82 -26.31 0.77
C ASP A 57 -6.88 -25.73 1.83
N VAL A 58 -7.39 -25.21 2.94
CA VAL A 58 -6.50 -24.76 4.01
C VAL A 58 -6.23 -25.84 5.04
N LEU A 59 -6.89 -27.00 4.91
CA LEU A 59 -6.83 -28.00 5.97
C LEU A 59 -5.50 -28.76 5.97
N GLU A 60 -4.83 -28.87 4.83
CA GLU A 60 -3.52 -29.52 4.79
C GLU A 60 -2.51 -28.75 5.62
N ARG A 61 -2.44 -27.42 5.44
CA ARG A 61 -1.50 -26.62 6.22
C ARG A 61 -1.85 -26.65 7.70
N ALA A 62 -3.15 -26.69 8.01
CA ALA A 62 -3.58 -26.77 9.40
C ALA A 62 -3.23 -28.11 10.02
N ALA A 63 -3.28 -29.19 9.25
CA ALA A 63 -2.96 -30.49 9.83
C ALA A 63 -1.47 -30.58 10.17
N VAL A 64 -0.61 -30.08 9.29
CA VAL A 64 0.83 -30.05 9.58
C VAL A 64 1.09 -29.22 10.81
N GLU A 65 0.50 -28.03 10.85
CA GLU A 65 0.68 -27.11 11.98
C GLU A 65 0.21 -27.76 13.27
N GLY A 66 -0.90 -28.50 13.22
CA GLY A 66 -1.38 -29.17 14.42
C GLY A 66 -0.41 -30.23 14.91
N ARG A 67 0.16 -31.00 13.98
CA ARG A 67 1.14 -32.01 14.38
C ARG A 67 2.39 -31.34 14.95
N LEU A 68 2.81 -30.23 14.35
CA LEU A 68 3.98 -29.52 14.85
C LEU A 68 3.73 -29.00 16.26
N LEU A 69 2.59 -28.35 16.48
CA LEU A 69 2.28 -27.80 17.80
C LEU A 69 2.24 -28.89 18.87
N ALA A 70 1.67 -30.05 18.54
CA ALA A 70 1.56 -31.13 19.52
C ALA A 70 2.93 -31.62 19.95
N MET A 71 3.85 -31.82 19.02
CA MET A 71 5.16 -32.31 19.40
C MET A 71 6.09 -31.27 19.99
N LEU A 72 5.80 -30.01 19.74
CA LEU A 72 6.72 -28.94 20.12
C LEU A 72 6.48 -28.43 21.54
N ALA A 73 5.22 -28.36 21.95
CA ALA A 73 4.87 -27.75 23.24
C ALA A 73 5.66 -28.30 24.43
N PRO A 74 5.89 -29.62 24.59
CA PRO A 74 6.67 -30.08 25.74
C PRO A 74 8.12 -29.60 25.76
N HIS A 75 8.65 -29.14 24.63
CA HIS A 75 10.07 -28.82 24.52
C HIS A 75 10.37 -27.33 24.62
N LEU A 76 9.37 -26.48 24.76
CA LEU A 76 9.56 -25.04 24.88
C LEU A 76 9.01 -24.56 26.22
N ASP A 77 9.75 -23.67 26.87
CA ASP A 77 9.26 -23.08 28.10
C ASP A 77 8.15 -22.07 27.82
N VAL A 78 8.26 -21.31 26.73
CA VAL A 78 7.20 -20.39 26.38
C VAL A 78 6.03 -21.17 25.78
N ALA A 79 4.88 -20.52 25.74
CA ALA A 79 3.64 -21.19 25.34
C ALA A 79 3.43 -21.17 23.84
N VAL A 80 2.77 -22.20 23.34
CA VAL A 80 2.26 -22.22 21.97
C VAL A 80 0.80 -22.66 22.02
N PRO A 81 0.03 -22.41 20.96
CA PRO A 81 -1.38 -22.82 20.98
C PRO A 81 -1.57 -24.30 21.26
N ASP A 82 -2.58 -24.59 22.07
CA ASP A 82 -2.92 -25.95 22.50
C ASP A 82 -4.29 -26.30 21.89
N TRP A 83 -4.26 -26.92 20.70
CA TRP A 83 -5.48 -27.17 19.94
C TRP A 83 -6.28 -28.27 20.62
N ARG A 84 -7.31 -27.89 21.38
CA ARG A 84 -8.14 -28.88 22.04
C ARG A 84 -9.26 -29.40 21.14
N ILE A 85 -9.56 -28.67 20.06
CA ILE A 85 -10.49 -29.09 19.01
C ILE A 85 -9.78 -28.84 17.69
N SER A 86 -9.71 -29.86 16.83
CA SER A 86 -9.11 -29.74 15.50
C SER A 86 -9.91 -30.58 14.50
N THR A 87 -10.81 -29.91 13.76
CA THR A 87 -11.71 -30.58 12.82
C THR A 87 -11.78 -29.78 11.53
N SER A 88 -12.50 -30.31 10.55
CA SER A 88 -12.67 -29.63 9.26
C SER A 88 -13.33 -28.26 9.43
N GLU A 89 -14.27 -28.14 10.38
CA GLU A 89 -15.06 -26.93 10.55
C GLU A 89 -14.65 -26.08 11.75
N LEU A 90 -13.72 -26.55 12.60
CA LEU A 90 -13.37 -25.71 13.74
C LEU A 90 -12.08 -26.19 14.38
N ILE A 91 -11.20 -25.22 14.60
CA ILE A 91 -9.99 -25.36 15.40
C ILE A 91 -10.11 -24.41 16.58
N ALA A 92 -9.93 -24.92 17.79
CA ALA A 92 -10.13 -24.07 18.97
C ALA A 92 -9.05 -24.31 20.01
N TYR A 93 -8.60 -23.23 20.65
CA TYR A 93 -7.58 -23.39 21.68
C TYR A 93 -7.69 -22.27 22.70
N PRO A 94 -7.24 -22.49 23.93
CA PRO A 94 -7.24 -21.41 24.93
C PRO A 94 -6.40 -20.23 24.48
N LEU A 95 -6.90 -19.02 24.78
CA LEU A 95 -6.16 -17.81 24.52
C LEU A 95 -4.84 -17.83 25.30
N LEU A 96 -3.77 -17.53 24.63
CA LEU A 96 -2.49 -17.45 25.30
C LEU A 96 -2.33 -16.12 26.03
N PRO A 97 -1.65 -16.12 27.17
CA PRO A 97 -1.48 -14.88 27.93
C PRO A 97 -0.42 -13.96 27.32
N GLY A 98 -0.56 -12.68 27.60
CA GLY A 98 0.39 -11.67 27.17
C GLY A 98 -0.19 -10.79 26.07
N SER A 99 0.64 -9.85 25.64
CA SER A 99 0.24 -8.93 24.59
CA SER A 99 0.26 -8.90 24.60
C SER A 99 1.17 -9.05 23.39
N PRO A 100 0.64 -8.91 22.17
CA PRO A 100 1.50 -9.02 20.98
C PRO A 100 2.57 -7.94 20.97
N GLY A 101 3.78 -8.34 20.61
CA GLY A 101 4.87 -7.38 20.52
C GLY A 101 4.69 -6.35 19.42
N LEU A 102 3.78 -6.60 18.50
CA LEU A 102 3.49 -5.69 17.40
C LEU A 102 2.07 -5.98 16.92
N THR A 103 1.24 -4.94 16.82
CA THR A 103 -0.11 -5.08 16.32
C THR A 103 -0.32 -4.18 15.10
N VAL A 104 -1.19 -4.63 14.20
CA VAL A 104 -1.52 -3.88 12.99
C VAL A 104 -3.02 -3.59 13.03
N ALA A 105 -3.37 -2.32 12.91
CA ALA A 105 -4.76 -1.90 12.95
C ALA A 105 -5.47 -2.24 11.64
N ALA A 106 -6.77 -1.95 11.59
CA ALA A 106 -7.55 -2.27 10.40
C ALA A 106 -7.13 -1.42 9.20
N ASP A 107 -6.79 -0.15 9.43
CA ASP A 107 -6.35 0.72 8.36
C ASP A 107 -4.91 0.47 7.94
N GLY A 108 -4.21 -0.48 8.57
CA GLY A 108 -2.84 -0.80 8.23
C GLY A 108 -1.80 -0.20 9.13
N GLU A 109 -2.19 0.56 10.14
CA GLU A 109 -1.25 1.17 11.07
C GLU A 109 -0.59 0.09 11.94
N VAL A 110 0.74 0.11 12.02
CA VAL A 110 1.53 -0.82 12.81
C VAL A 110 1.92 -0.13 14.11
N SER A 111 1.75 -0.80 15.24
CA SER A 111 2.11 -0.25 16.55
C SER A 111 3.01 -1.24 17.27
N TRP A 112 4.16 -0.76 17.72
CA TRP A 112 5.14 -1.60 18.40
C TRP A 112 4.93 -1.55 19.91
N HIS A 113 5.03 -2.71 20.55
CA HIS A 113 4.82 -2.82 22.00
C HIS A 113 6.06 -3.29 22.74
N VAL A 114 7.19 -3.46 22.04
CA VAL A 114 8.49 -3.68 22.67
C VAL A 114 9.54 -3.11 21.73
N ASP A 115 10.57 -2.50 22.29
CA ASP A 115 11.58 -1.79 21.52
C ASP A 115 12.72 -2.74 21.17
N MET A 116 13.13 -2.74 19.92
CA MET A 116 14.17 -3.64 19.48
C MET A 116 15.56 -3.39 20.06
N ALA A 117 15.74 -2.25 20.73
CA ALA A 117 16.98 -1.99 21.43
C ALA A 117 16.96 -2.52 22.88
N SER A 118 15.90 -3.23 23.27
CA SER A 118 15.79 -3.77 24.63
C SER A 118 16.75 -4.94 24.83
N THR A 119 17.56 -4.89 25.89
CA THR A 119 18.36 -6.08 26.22
C THR A 119 17.51 -7.21 26.78
N VAL A 120 16.40 -6.88 27.43
CA VAL A 120 15.53 -7.93 27.97
C VAL A 120 14.94 -8.76 26.83
N TYR A 121 14.40 -8.10 25.80
CA TYR A 121 13.86 -8.84 24.65
C TYR A 121 14.94 -9.62 23.92
N ALA A 122 16.11 -9.00 23.75
CA ALA A 122 17.22 -9.69 23.09
C ALA A 122 17.57 -10.99 23.80
N ARG A 123 17.69 -10.95 25.13
CA ARG A 123 18.02 -12.19 25.84
C ARG A 123 16.86 -13.18 25.80
N SER A 124 15.62 -12.71 25.89
CA SER A 124 14.47 -13.61 25.81
C SER A 124 14.42 -14.30 24.45
N LEU A 125 14.61 -13.52 23.38
CA LEU A 125 14.58 -14.09 22.03
C LEU A 125 15.68 -15.13 21.83
N GLY A 126 16.91 -14.81 22.22
CA GLY A 126 17.98 -15.78 22.05
C GLY A 126 17.73 -17.07 22.81
N SER A 127 17.11 -16.95 24.00
CA SER A 127 16.79 -18.14 24.80
CA SER A 127 16.80 -18.14 24.79
C SER A 127 15.71 -18.97 24.14
N VAL A 128 14.65 -18.33 23.66
CA VAL A 128 13.58 -19.12 23.02
C VAL A 128 14.11 -19.79 21.75
N VAL A 129 14.92 -19.09 20.97
CA VAL A 129 15.36 -19.65 19.69
C VAL A 129 16.29 -20.83 19.93
N ALA A 130 17.13 -20.75 20.97
CA ALA A 130 18.00 -21.89 21.28
C ALA A 130 17.19 -23.11 21.69
N GLN A 131 16.10 -22.90 22.46
CA GLN A 131 15.24 -24.02 22.83
C GLN A 131 14.54 -24.60 21.62
N LEU A 132 14.03 -23.74 20.73
CA LEU A 132 13.41 -24.23 19.50
C LEU A 132 14.41 -24.99 18.65
N HIS A 133 15.62 -24.45 18.51
CA HIS A 133 16.61 -25.06 17.63
C HIS A 133 17.20 -26.34 18.22
N ALA A 134 16.99 -26.59 19.52
CA ALA A 134 17.41 -27.84 20.14
C ALA A 134 16.45 -28.99 19.89
N VAL A 135 15.28 -28.72 19.33
CA VAL A 135 14.25 -29.74 19.17
C VAL A 135 14.71 -30.80 18.18
N ASP A 136 14.41 -32.06 18.49
CA ASP A 136 14.84 -33.20 17.69
C ASP A 136 14.37 -33.05 16.25
N ALA A 137 15.32 -32.99 15.30
CA ALA A 137 14.98 -32.66 13.93
C ALA A 137 14.26 -33.80 13.22
N GLU A 138 14.49 -35.04 13.63
CA GLU A 138 13.78 -36.16 13.01
C GLU A 138 12.33 -36.19 13.43
N ALA A 139 12.04 -35.89 14.71
CA ALA A 139 10.67 -35.75 15.14
C ALA A 139 10.01 -34.53 14.50
N ALA A 140 10.78 -33.47 14.27
CA ALA A 140 10.23 -32.31 13.54
C ALA A 140 9.79 -32.74 12.14
N ALA A 141 10.64 -33.51 11.46
CA ALA A 141 10.35 -33.90 10.07
C ALA A 141 9.09 -34.75 9.96
N ALA A 142 8.81 -35.57 10.98
CA ALA A 142 7.64 -36.46 10.92
C ALA A 142 6.32 -35.69 10.85
N THR A 143 6.32 -34.41 11.22
CA THR A 143 5.09 -33.63 11.17
C THR A 143 4.66 -33.29 9.75
N GLY A 144 5.57 -33.35 8.78
CA GLY A 144 5.28 -33.01 7.40
C GLY A 144 5.87 -31.69 6.92
N ILE A 145 6.53 -30.94 7.81
CA ILE A 145 7.16 -29.69 7.38
C ILE A 145 8.30 -29.98 6.42
N GLU A 146 8.65 -28.96 5.63
CA GLU A 146 9.79 -29.05 4.73
C GLU A 146 11.07 -29.24 5.52
N VAL A 147 12.01 -29.97 4.93
CA VAL A 147 13.31 -30.23 5.53
C VAL A 147 14.38 -29.94 4.49
N ARG A 148 15.34 -29.07 4.83
CA ARG A 148 16.47 -28.75 3.96
CA ARG A 148 16.47 -28.76 3.95
C ARG A 148 17.76 -28.92 4.75
N SER A 149 18.68 -29.75 4.23
CA SER A 149 20.08 -29.91 4.58
C SER A 149 20.74 -28.54 4.52
N PRO A 150 21.94 -28.31 5.10
CA PRO A 150 22.66 -27.08 4.74
C PRO A 150 22.89 -26.94 3.23
N ALA A 151 23.22 -28.03 2.54
CA ALA A 151 23.42 -27.95 1.09
C ALA A 151 22.15 -27.53 0.38
N GLN A 152 21.00 -28.08 0.80
CA GLN A 152 19.74 -27.74 0.16
C GLN A 152 19.29 -26.33 0.51
N VAL A 153 19.68 -25.81 1.68
CA VAL A 153 19.38 -24.41 2.00
C VAL A 153 20.02 -23.48 0.98
N ARG A 154 21.32 -23.66 0.70
CA ARG A 154 22.01 -22.78 -0.25
C ARG A 154 21.54 -23.03 -1.67
N GLY A 155 21.33 -24.30 -2.03
CA GLY A 155 20.89 -24.61 -3.37
C GLY A 155 19.51 -24.08 -3.68
N ALA A 156 18.62 -24.05 -2.68
CA ALA A 156 17.28 -23.51 -2.87
C ALA A 156 17.35 -22.02 -3.19
N TRP A 157 18.19 -21.27 -2.48
CA TRP A 157 18.33 -19.86 -2.81
C TRP A 157 18.91 -19.66 -4.20
N ARG A 158 19.87 -20.50 -4.60
CA ARG A 158 20.42 -20.39 -5.95
C ARG A 158 19.36 -20.70 -7.00
N GLN A 159 18.58 -21.76 -6.78
CA GLN A 159 17.50 -22.14 -7.69
C GLN A 159 16.44 -21.04 -7.76
N ASP A 160 16.12 -20.48 -6.58
CA ASP A 160 15.09 -19.45 -6.48
C ASP A 160 15.47 -18.23 -7.27
N LEU A 161 16.73 -17.78 -7.15
CA LEU A 161 17.20 -16.67 -7.96
C LEU A 161 17.07 -16.98 -9.44
N ALA A 162 17.40 -18.21 -9.85
CA ALA A 162 17.33 -18.55 -11.26
C ALA A 162 15.89 -18.57 -11.75
N ARG A 163 15.00 -19.16 -10.95
CA ARG A 163 13.60 -19.25 -11.37
C ARG A 163 12.97 -17.86 -11.44
N VAL A 164 13.20 -17.02 -10.43
CA VAL A 164 12.62 -15.67 -10.44
C VAL A 164 13.22 -14.86 -11.59
N GLY A 165 14.54 -14.96 -11.76
CA GLY A 165 15.18 -14.26 -12.87
C GLY A 165 14.67 -14.65 -14.24
N ALA A 166 14.14 -15.87 -14.37
CA ALA A 166 13.59 -16.32 -15.65
C ALA A 166 12.21 -15.75 -15.93
N GLU A 167 11.46 -15.37 -14.89
CA GLU A 167 10.12 -14.83 -15.07
C GLU A 167 10.01 -13.34 -14.86
N PHE A 168 11.00 -12.72 -14.20
CA PHE A 168 10.96 -11.30 -13.87
C PHE A 168 12.25 -10.61 -14.29
N GLU A 169 12.13 -9.33 -14.66
CA GLU A 169 13.31 -8.50 -14.79
CA GLU A 169 13.31 -8.50 -14.79
C GLU A 169 13.85 -8.16 -13.40
N ILE A 170 15.14 -8.37 -13.19
CA ILE A 170 15.78 -8.05 -11.91
C ILE A 170 16.82 -6.98 -12.15
N ALA A 171 16.74 -5.89 -11.40
CA ALA A 171 17.72 -4.81 -11.51
C ALA A 171 19.11 -5.38 -11.32
N PRO A 172 20.08 -5.05 -12.18
CA PRO A 172 21.43 -5.61 -11.98
C PRO A 172 22.02 -5.34 -10.61
N ALA A 173 21.72 -4.19 -9.99
CA ALA A 173 22.26 -3.91 -8.65
C ALA A 173 21.78 -4.93 -7.63
N LEU A 174 20.51 -5.38 -7.73
CA LEU A 174 20.02 -6.43 -6.83
C LEU A 174 20.56 -7.80 -7.21
N ARG A 175 20.59 -8.12 -8.51
CA ARG A 175 21.11 -9.42 -8.90
C ARG A 175 22.57 -9.58 -8.46
N GLU A 176 23.38 -8.55 -8.66
CA GLU A 176 24.79 -8.66 -8.32
C GLU A 176 24.99 -8.79 -6.81
N ARG A 177 24.25 -8.01 -6.01
CA ARG A 177 24.29 -8.19 -4.57
C ARG A 177 24.00 -9.62 -4.18
N TRP A 178 22.91 -10.18 -4.72
CA TRP A 178 22.49 -11.51 -4.28
C TRP A 178 23.44 -12.60 -4.77
N GLU A 179 24.04 -12.42 -5.95
CA GLU A 179 25.03 -13.39 -6.42
CA GLU A 179 25.02 -13.40 -6.41
C GLU A 179 26.27 -13.37 -5.54
N ALA A 180 26.69 -12.20 -5.09
CA ALA A 180 27.83 -12.11 -4.18
C ALA A 180 27.53 -12.75 -2.84
N TRP A 181 26.28 -12.64 -2.37
CA TRP A 181 25.85 -13.29 -1.15
C TRP A 181 25.91 -14.81 -1.31
N LEU A 182 25.37 -15.32 -2.42
CA LEU A 182 25.33 -16.76 -2.63
C LEU A 182 26.73 -17.34 -2.82
N ALA A 183 27.68 -16.53 -3.26
CA ALA A 183 29.04 -17.01 -3.46
C ALA A 183 29.91 -16.93 -2.20
N ASP A 184 29.50 -16.19 -1.17
CA ASP A 184 30.32 -16.02 0.03
C ASP A 184 30.11 -17.18 0.99
N ASP A 185 31.07 -18.10 0.98
CA ASP A 185 30.99 -19.29 1.83
C ASP A 185 30.81 -18.92 3.30
N GLY A 186 31.33 -17.76 3.71
CA GLY A 186 31.27 -17.37 5.11
C GLY A 186 29.87 -17.07 5.62
N CYS A 187 28.91 -16.80 4.75
CA CYS A 187 27.55 -16.49 5.19
C CYS A 187 26.74 -17.71 5.59
N TRP A 188 27.08 -18.88 5.06
CA TRP A 188 26.04 -19.90 4.97
C TRP A 188 26.16 -20.92 6.11
N PRO A 189 25.01 -21.44 6.55
CA PRO A 189 25.01 -22.36 7.69
C PRO A 189 25.62 -23.71 7.36
N GLY A 190 26.20 -24.32 8.39
CA GLY A 190 26.74 -25.67 8.33
C GLY A 190 25.91 -26.71 9.04
N HIS A 191 24.74 -26.33 9.56
CA HIS A 191 23.82 -27.27 10.19
C HIS A 191 22.42 -26.70 10.05
N SER A 192 21.44 -27.60 10.03
CA SER A 192 20.01 -27.36 9.93
C SER A 192 19.32 -27.61 11.25
N VAL A 193 18.30 -26.82 11.57
CA VAL A 193 17.55 -26.93 12.82
C VAL A 193 16.08 -26.73 12.50
N LEU A 194 15.22 -27.10 13.44
CA LEU A 194 13.81 -26.70 13.36
C LEU A 194 13.71 -25.20 13.53
N THR A 195 13.05 -24.54 12.58
CA THR A 195 12.91 -23.09 12.63
C THR A 195 11.44 -22.69 12.60
N HIS A 196 11.16 -21.50 13.16
CA HIS A 196 9.84 -20.89 13.04
C HIS A 196 9.61 -20.27 11.66
N GLY A 197 10.54 -19.42 11.19
CA GLY A 197 10.50 -18.88 9.84
C GLY A 197 10.03 -17.43 9.72
N GLU A 198 9.36 -16.91 10.73
CA GLU A 198 8.84 -15.56 10.68
C GLU A 198 8.81 -14.99 12.10
N LEU A 199 9.94 -15.10 12.79
CA LEU A 199 10.01 -14.75 14.20
C LEU A 199 10.35 -13.27 14.33
N TYR A 200 9.32 -12.45 14.20
CA TYR A 200 9.38 -11.03 14.51
C TYR A 200 8.25 -10.72 15.47
N PRO A 201 8.25 -9.53 16.09
CA PRO A 201 7.37 -9.29 17.25
C PRO A 201 5.89 -9.50 17.02
N ALA A 202 5.41 -9.39 15.78
CA ALA A 202 3.99 -9.67 15.54
C ALA A 202 3.61 -11.12 15.80
N HIS A 203 4.58 -12.04 15.84
CA HIS A 203 4.31 -13.44 16.11
C HIS A 203 4.73 -13.85 17.51
N THR A 204 4.96 -12.90 18.40
CA THR A 204 5.23 -13.19 19.80
C THR A 204 4.16 -12.56 20.67
N LEU A 205 4.04 -13.08 21.88
CA LEU A 205 3.38 -12.34 22.93
C LEU A 205 4.41 -12.04 24.00
N VAL A 206 4.31 -10.84 24.57
CA VAL A 206 5.32 -10.36 25.48
C VAL A 206 4.68 -9.98 26.81
N GLU A 207 5.45 -10.18 27.86
CA GLU A 207 5.11 -9.70 29.21
CA GLU A 207 5.11 -9.69 29.20
C GLU A 207 6.40 -9.19 29.83
N ASP A 208 6.40 -7.91 30.23
CA ASP A 208 7.59 -7.27 30.78
C ASP A 208 8.78 -7.40 29.84
N GLU A 209 8.54 -7.21 28.54
CA GLU A 209 9.52 -7.24 27.46
C GLU A 209 10.12 -8.63 27.25
N ARG A 210 9.55 -9.67 27.86
CA ARG A 210 9.99 -11.04 27.65
C ARG A 210 8.95 -11.77 26.82
N ILE A 211 9.41 -12.67 25.97
CA ILE A 211 8.51 -13.51 25.18
C ILE A 211 7.87 -14.53 26.10
N THR A 212 6.54 -14.60 26.06
CA THR A 212 5.82 -15.60 26.82
C THR A 212 5.04 -16.57 25.93
N ALA A 213 4.93 -16.30 24.64
CA ALA A 213 4.30 -17.24 23.72
C ALA A 213 4.74 -16.89 22.31
N VAL A 214 4.75 -17.90 21.44
CA VAL A 214 5.07 -17.74 20.04
C VAL A 214 3.94 -18.34 19.22
N LEU A 215 3.47 -17.59 18.23
CA LEU A 215 2.28 -17.93 17.47
C LEU A 215 2.62 -18.13 16.00
N ASP A 216 1.61 -18.60 15.25
CA ASP A 216 1.59 -18.71 13.79
C ASP A 216 2.79 -19.50 13.28
N TRP A 217 2.64 -20.82 13.43
CA TRP A 217 3.69 -21.78 13.13
C TRP A 217 3.57 -22.39 11.72
N THR A 218 2.84 -21.74 10.80
CA THR A 218 2.70 -22.34 9.47
C THR A 218 3.97 -22.24 8.62
N THR A 219 4.92 -21.38 8.96
CA THR A 219 6.14 -21.25 8.16
C THR A 219 7.27 -22.14 8.66
N ALA A 220 7.01 -22.98 9.66
CA ALA A 220 8.08 -23.77 10.26
C ALA A 220 8.65 -24.77 9.26
N ALA A 221 9.95 -25.03 9.39
CA ALA A 221 10.70 -25.89 8.48
C ALA A 221 12.03 -26.24 9.14
N VAL A 222 12.57 -27.40 8.81
CA VAL A 222 13.96 -27.66 9.20
C VAL A 222 14.86 -27.03 8.14
N GLY A 223 15.82 -26.24 8.62
CA GLY A 223 16.68 -25.49 7.70
C GLY A 223 17.55 -24.47 8.39
N ASP A 224 17.68 -23.31 7.78
CA ASP A 224 18.71 -22.31 8.15
C ASP A 224 18.42 -21.71 9.52
N PRO A 225 19.30 -21.91 10.51
CA PRO A 225 19.07 -21.29 11.85
C PRO A 225 18.95 -19.78 11.82
N ALA A 226 19.58 -19.11 10.84
CA ALA A 226 19.57 -17.65 10.81
C ALA A 226 18.17 -17.09 10.58
N LYS A 227 17.30 -17.84 9.94
CA LYS A 227 15.96 -17.34 9.66
C LYS A 227 15.29 -16.79 10.91
N ASP A 228 15.56 -17.39 12.07
CA ASP A 228 14.87 -17.02 13.30
C ASP A 228 15.57 -15.90 14.05
N LEU A 229 16.77 -15.53 13.63
CA LEU A 229 17.48 -14.40 14.21
C LEU A 229 17.52 -13.20 13.29
N MET A 230 17.25 -13.45 12.02
CA MET A 230 17.34 -12.29 11.06
CA MET A 230 17.24 -12.39 11.01
C MET A 230 16.47 -11.00 11.25
N PHE A 231 15.26 -11.21 11.77
CA PHE A 231 14.43 -10.03 11.97
C PHE A 231 14.97 -9.17 13.12
N HIS A 232 15.48 -9.81 14.17
CA HIS A 232 16.18 -9.07 15.22
C HIS A 232 17.45 -8.41 14.69
N GLN A 233 18.20 -9.12 13.85
CA GLN A 233 19.46 -8.57 13.36
C GLN A 233 19.24 -7.31 12.56
N VAL A 234 18.18 -7.27 11.73
CA VAL A 234 18.00 -6.09 10.89
C VAL A 234 17.39 -4.91 11.65
N SER A 235 16.76 -5.13 12.81
CA SER A 235 16.05 -4.06 13.50
C SER A 235 16.74 -3.56 14.78
N ALA A 236 17.57 -4.35 15.38
CA ALA A 236 18.19 -4.02 16.66
C ALA A 236 19.58 -3.44 16.44
N PRO A 237 20.05 -2.56 17.34
CA PRO A 237 21.45 -2.14 17.29
C PRO A 237 22.37 -3.35 17.35
N SER A 238 23.54 -3.22 16.74
CA SER A 238 24.42 -4.38 16.62
C SER A 238 24.83 -4.93 17.99
N ALA A 239 25.04 -4.07 18.99
CA ALA A 239 25.38 -4.59 20.31
C ALA A 239 24.22 -5.32 20.95
N ILE A 240 22.99 -5.00 20.56
CA ILE A 240 21.82 -5.69 21.08
C ILE A 240 21.64 -7.03 20.39
N PHE A 241 21.88 -7.09 19.07
CA PHE A 241 21.92 -8.40 18.41
C PHE A 241 22.97 -9.30 19.06
N GLU A 242 24.11 -8.73 19.47
CA GLU A 242 25.13 -9.55 20.11
C GLU A 242 24.66 -10.12 21.45
N VAL A 243 23.85 -9.35 22.21
CA VAL A 243 23.24 -9.88 23.44
C VAL A 243 22.35 -11.08 23.11
N ALA A 244 21.59 -10.99 22.01
CA ALA A 244 20.76 -12.11 21.56
C ALA A 244 21.61 -13.32 21.19
N LEU A 245 22.71 -13.09 20.47
CA LEU A 245 23.61 -14.17 20.10
C LEU A 245 24.22 -14.84 21.33
N GLN A 246 24.56 -14.06 22.37
CA GLN A 246 25.13 -14.64 23.58
C GLN A 246 24.12 -15.55 24.28
N ALA A 247 22.88 -15.08 24.42
CA ALA A 247 21.84 -15.91 25.00
C ALA A 247 21.56 -17.14 24.13
N TYR A 248 21.62 -16.99 22.81
CA TYR A 248 21.46 -18.13 21.91
C TYR A 248 22.53 -19.19 22.17
N ALA A 249 23.79 -18.78 22.23
CA ALA A 249 24.86 -19.74 22.49
C ALA A 249 24.75 -20.32 23.90
N GLU A 250 24.36 -19.50 24.86
CA GLU A 250 24.18 -20.01 26.22
C GLU A 250 23.14 -21.12 26.26
N GLY A 251 22.15 -21.09 25.37
CA GLY A 251 21.15 -22.13 25.29
C GLY A 251 21.50 -23.34 24.43
N GLY A 252 22.72 -23.40 23.90
CA GLY A 252 23.10 -24.49 23.02
C GLY A 252 23.10 -24.13 21.55
N GLY A 253 22.70 -22.91 21.19
CA GLY A 253 22.77 -22.47 19.81
C GLY A 253 24.21 -22.37 19.32
N ARG A 254 24.40 -22.63 18.03
CA ARG A 254 25.73 -22.71 17.41
C ARG A 254 25.83 -21.72 16.25
N PRO A 255 25.99 -20.43 16.56
CA PRO A 255 26.11 -19.43 15.50
C PRO A 255 27.49 -19.52 14.87
N TRP A 256 27.64 -18.90 13.70
CA TRP A 256 28.90 -18.86 12.97
C TRP A 256 29.29 -17.40 12.71
N PRO A 257 30.58 -17.14 12.44
CA PRO A 257 31.05 -15.74 12.38
C PRO A 257 30.30 -14.84 11.40
N GLY A 258 29.96 -15.33 10.22
CA GLY A 258 29.27 -14.46 9.29
C GLY A 258 27.76 -14.46 9.39
N LEU A 259 27.21 -14.88 10.55
CA LEU A 259 25.75 -15.01 10.66
CA LEU A 259 25.77 -15.00 10.72
C LEU A 259 25.07 -13.65 10.55
N ALA A 260 25.60 -12.61 11.18
CA ALA A 260 24.93 -11.31 11.11
C ALA A 260 24.95 -10.79 9.68
N ARG A 261 26.08 -10.97 8.99
CA ARG A 261 26.18 -10.58 7.59
CA ARG A 261 26.17 -10.57 7.59
C ARG A 261 25.11 -11.29 6.77
N HIS A 262 25.05 -12.62 6.89
CA HIS A 262 24.04 -13.46 6.25
C HIS A 262 22.62 -12.93 6.48
N CYS A 263 22.29 -12.57 7.72
CA CYS A 263 20.93 -12.11 8.05
C CYS A 263 20.54 -10.90 7.22
N THR A 264 21.42 -9.89 7.14
CA THR A 264 21.09 -8.67 6.40
C THR A 264 21.01 -8.94 4.91
N GLU A 265 21.91 -9.78 4.36
CA GLU A 265 21.81 -10.11 2.95
C GLU A 265 20.52 -10.85 2.65
N MET A 266 20.17 -11.78 3.52
CA MET A 266 18.98 -12.58 3.35
C MET A 266 17.72 -11.71 3.37
N PHE A 267 17.68 -10.75 4.29
CA PHE A 267 16.54 -9.83 4.39
C PHE A 267 16.42 -9.01 3.11
N SER A 268 17.56 -8.65 2.51
CA SER A 268 17.54 -7.88 1.28
C SER A 268 17.00 -8.68 0.10
N ALA A 269 16.97 -10.00 0.21
CA ALA A 269 16.51 -10.85 -0.87
C ALA A 269 15.01 -11.16 -0.76
N ALA A 270 14.32 -10.43 0.12
CA ALA A 270 12.86 -10.51 0.18
C ALA A 270 12.18 -10.36 -1.17
N PRO A 271 12.63 -9.53 -2.11
CA PRO A 271 11.95 -9.49 -3.41
C PRO A 271 11.92 -10.84 -4.12
N LEU A 272 12.91 -11.71 -3.88
CA LEU A 272 12.80 -13.04 -4.48
C LEU A 272 11.68 -13.85 -3.84
N GLY A 273 11.44 -13.70 -2.54
CA GLY A 273 10.26 -14.34 -1.95
C GLY A 273 8.97 -13.84 -2.56
N TYR A 274 8.88 -12.54 -2.85
CA TYR A 274 7.70 -12.00 -3.54
C TYR A 274 7.55 -12.62 -4.92
N GLY A 275 8.67 -12.75 -5.65
CA GLY A 275 8.59 -13.37 -6.98
C GLY A 275 8.09 -14.79 -6.90
N LEU A 276 8.62 -15.57 -5.95
CA LEU A 276 8.19 -16.95 -5.74
C LEU A 276 6.70 -17.01 -5.44
N TYR A 277 6.23 -16.15 -4.55
CA TYR A 277 4.81 -16.13 -4.19
C TYR A 277 3.96 -15.85 -5.43
N ALA A 278 4.35 -14.85 -6.22
CA ALA A 278 3.60 -14.52 -7.43
C ALA A 278 3.52 -15.72 -8.37
N LEU A 279 4.63 -16.42 -8.57
CA LEU A 279 4.63 -17.59 -9.45
C LEU A 279 3.76 -18.71 -8.87
N ALA A 280 3.64 -18.78 -7.54
CA ALA A 280 2.80 -19.78 -6.90
C ALA A 280 1.32 -19.46 -7.09
N THR A 281 0.92 -18.20 -6.85
CA THR A 281 -0.46 -17.76 -6.98
C THR A 281 -0.90 -17.62 -8.44
N GLY A 282 0.01 -17.14 -9.28
CA GLY A 282 -0.34 -16.75 -10.63
C GLY A 282 -1.18 -15.50 -10.74
N GLU A 283 -1.50 -14.84 -9.63
CA GLU A 283 -2.36 -13.67 -9.64
C GLU A 283 -1.62 -12.44 -10.15
N ALA A 284 -2.24 -11.71 -11.09
CA ALA A 284 -1.59 -10.57 -11.71
C ALA A 284 -1.19 -9.50 -10.70
N ALA A 285 -1.97 -9.32 -9.64
CA ALA A 285 -1.64 -8.28 -8.66
C ALA A 285 -0.37 -8.63 -7.90
N HIS A 286 -0.17 -9.92 -7.58
CA HIS A 286 1.04 -10.32 -6.90
C HIS A 286 2.26 -10.23 -7.81
N ARG A 287 2.10 -10.58 -9.08
CA ARG A 287 3.21 -10.44 -10.03
C ARG A 287 3.63 -8.98 -10.18
N GLU A 288 2.65 -8.07 -10.20
CA GLU A 288 2.99 -6.65 -10.34
C GLU A 288 3.74 -6.14 -9.12
N ALA A 289 3.34 -6.57 -7.92
CA ALA A 289 4.02 -6.11 -6.71
C ALA A 289 5.43 -6.71 -6.63
N ALA A 290 5.58 -7.99 -6.97
CA ALA A 290 6.92 -8.60 -6.98
C ALA A 290 7.82 -7.93 -8.02
N ALA A 291 7.26 -7.62 -9.19
CA ALA A 291 8.06 -6.99 -10.23
C ALA A 291 8.58 -5.62 -9.81
N ALA A 292 7.76 -4.85 -9.07
CA ALA A 292 8.22 -3.54 -8.62
C ALA A 292 9.34 -3.66 -7.59
N ALA A 293 9.31 -4.70 -6.75
CA ALA A 293 10.38 -4.92 -5.78
C ALA A 293 11.66 -5.44 -6.42
N LEU A 294 11.55 -6.23 -7.49
CA LEU A 294 12.71 -6.80 -8.16
C LEU A 294 13.38 -5.82 -9.13
N ASN A 295 12.67 -4.79 -9.58
CA ASN A 295 13.20 -3.84 -10.56
C ASN A 295 12.71 -2.44 -10.22
N PRO A 296 13.20 -1.86 -9.12
CA PRO A 296 12.66 -0.57 -8.67
C PRO A 296 12.94 0.52 -9.68
N PRO A 297 12.13 1.57 -9.73
CA PRO A 297 12.41 2.68 -10.63
C PRO A 297 13.63 3.47 -10.18
N GLU A 298 14.13 4.27 -11.11
CA GLU A 298 15.31 5.10 -10.92
C GLU A 298 15.00 6.33 -10.05
N GLU A 299 16.05 6.87 -9.43
CA GLU A 299 15.88 8.03 -8.56
C GLU A 299 15.61 9.29 -9.37
N ARG A 300 14.82 10.19 -8.78
CA ARG A 300 14.63 11.45 -9.48
C ARG A 300 14.69 12.64 -8.52
N GLN B 1 -7.46 17.15 -36.43
CA GLN B 1 -6.62 18.10 -37.15
C GLN B 1 -7.09 19.53 -36.94
N SER B 2 -6.22 20.37 -36.38
CA SER B 2 -6.56 21.78 -36.17
C SER B 2 -5.26 22.54 -35.88
N MET B 3 -4.69 23.13 -36.93
CA MET B 3 -3.54 24.01 -36.79
C MET B 3 -4.23 25.22 -36.16
N PRO B 4 -3.68 25.75 -35.05
CA PRO B 4 -4.41 26.81 -34.33
C PRO B 4 -4.48 28.09 -35.14
N GLU B 5 -5.61 28.80 -35.01
CA GLU B 5 -5.77 30.05 -35.73
C GLU B 5 -4.69 31.05 -35.33
N ASP B 6 -4.32 31.07 -34.05
CA ASP B 6 -3.32 31.98 -33.52
C ASP B 6 -1.95 31.33 -33.41
N LEU B 7 -1.60 30.49 -34.39
CA LEU B 7 -0.29 29.82 -34.39
C LEU B 7 0.85 30.81 -34.30
N ASP B 8 0.78 31.88 -35.09
CA ASP B 8 1.85 32.87 -35.09
C ASP B 8 2.03 33.50 -33.71
N ALA B 9 0.92 33.77 -33.00
CA ALA B 9 1.04 34.35 -31.67
C ALA B 9 1.68 33.38 -30.68
N LEU B 10 1.33 32.10 -30.77
CA LEU B 10 1.90 31.10 -29.89
C LEU B 10 3.39 30.93 -30.14
N LEU B 11 3.81 30.95 -31.41
CA LEU B 11 5.23 30.83 -31.71
C LEU B 11 5.99 32.04 -31.18
N ASP B 12 5.37 33.22 -31.22
CA ASP B 12 5.99 34.42 -30.68
C ASP B 12 6.11 34.33 -29.16
N LEU B 13 5.05 33.88 -28.50
CA LEU B 13 5.08 33.70 -27.05
C LEU B 13 6.22 32.78 -26.64
N ALA B 14 6.31 31.61 -27.27
CA ALA B 14 7.39 30.68 -26.94
C ALA B 14 8.75 31.31 -27.20
N ALA B 15 8.89 32.04 -28.31
CA ALA B 15 10.17 32.60 -28.70
C ALA B 15 10.63 33.67 -27.72
N ARG B 16 9.72 34.50 -27.19
CA ARG B 16 10.16 35.51 -26.24
CA ARG B 16 10.19 35.50 -26.24
C ARG B 16 10.53 34.91 -24.88
N HIS B 17 10.42 33.60 -24.72
CA HIS B 17 10.94 32.93 -23.53
C HIS B 17 12.06 31.96 -23.90
N GLY B 18 12.64 32.11 -25.10
CA GLY B 18 13.80 31.36 -25.52
C GLY B 18 13.53 30.04 -26.21
N LEU B 19 12.27 29.68 -26.43
CA LEU B 19 11.89 28.39 -27.00
C LEU B 19 11.49 28.60 -28.46
N ASP B 20 12.34 28.16 -29.37
CA ASP B 20 12.09 28.25 -30.80
C ASP B 20 11.47 26.94 -31.27
N LEU B 21 10.23 27.01 -31.74
CA LEU B 21 9.42 25.84 -32.03
C LEU B 21 9.23 25.64 -33.52
N ASP B 22 9.12 24.37 -33.92
CA ASP B 22 8.75 24.00 -35.28
C ASP B 22 7.26 24.25 -35.45
N GLY B 23 6.93 25.34 -36.13
CA GLY B 23 5.53 25.73 -36.26
C GLY B 23 4.64 24.62 -36.79
N GLY B 24 5.16 23.82 -37.73
CA GLY B 24 4.36 22.78 -38.36
C GLY B 24 3.97 21.62 -37.44
N THR B 25 4.62 21.49 -36.29
CA THR B 25 4.32 20.41 -35.34
C THR B 25 3.36 20.82 -34.23
N LEU B 26 3.05 22.11 -34.09
CA LEU B 26 2.34 22.58 -32.92
C LEU B 26 0.88 22.15 -32.94
N ARG B 27 0.38 21.60 -31.84
CA ARG B 27 -1.02 21.25 -31.70
C ARG B 27 -1.51 21.72 -30.35
N THR B 28 -2.81 22.00 -30.25
CA THR B 28 -3.38 22.53 -29.02
C THR B 28 -4.50 21.64 -28.51
N GLU B 29 -4.67 21.66 -27.19
CA GLU B 29 -5.84 21.08 -26.54
C GLU B 29 -6.58 22.22 -25.85
N GLU B 30 -7.84 22.41 -26.23
CA GLU B 30 -8.58 23.57 -25.75
C GLU B 30 -9.63 23.22 -24.69
N ILE B 31 -9.75 21.96 -24.31
CA ILE B 31 -10.83 21.52 -23.43
C ILE B 31 -10.70 22.06 -22.00
N GLY B 32 -9.50 22.45 -21.57
CA GLY B 32 -9.30 22.84 -20.18
C GLY B 32 -9.97 24.16 -19.85
N LEU B 33 -10.47 24.25 -18.62
CA LEU B 33 -11.21 25.46 -18.23
C LEU B 33 -10.31 26.55 -17.70
N ASP B 34 -9.11 26.21 -17.19
CA ASP B 34 -8.20 27.20 -16.65
C ASP B 34 -6.95 27.40 -17.49
N PHE B 35 -6.55 26.41 -18.29
CA PHE B 35 -5.34 26.48 -19.12
C PHE B 35 -5.62 26.03 -20.54
N ARG B 36 -5.05 26.75 -21.50
CA ARG B 36 -4.84 26.23 -22.84
C ARG B 36 -3.52 25.45 -22.85
N VAL B 37 -3.49 24.33 -23.60
CA VAL B 37 -2.32 23.46 -23.65
C VAL B 37 -1.87 23.28 -25.10
N ALA B 38 -0.54 23.32 -25.31
CA ALA B 38 0.00 23.06 -26.64
C ALA B 38 1.14 22.07 -26.56
N PHE B 39 1.35 21.35 -27.65
CA PHE B 39 2.47 20.43 -27.83
C PHE B 39 3.22 20.88 -29.08
N ALA B 40 4.55 20.90 -29.00
CA ALA B 40 5.35 21.25 -30.17
C ALA B 40 6.76 20.71 -30.03
N ARG B 41 7.44 20.58 -31.17
CA ARG B 41 8.85 20.20 -31.18
C ARG B 41 9.73 21.43 -31.33
N ALA B 42 10.81 21.50 -30.54
CA ALA B 42 11.72 22.61 -30.68
C ALA B 42 12.63 22.40 -31.88
N HIS B 43 13.23 23.50 -32.36
CA HIS B 43 14.13 23.43 -33.49
C HIS B 43 15.28 22.47 -33.22
N ASP B 44 15.82 22.49 -32.00
CA ASP B 44 16.90 21.58 -31.67
C ASP B 44 16.46 20.13 -31.61
N GLY B 45 15.17 19.86 -31.42
CA GLY B 45 14.70 18.50 -31.53
C GLY B 45 13.76 17.97 -30.45
N GLY B 46 13.81 18.53 -29.25
CA GLY B 46 13.02 18.00 -28.16
C GLY B 46 11.56 18.42 -28.23
N ASP B 47 10.68 17.55 -27.72
CA ASP B 47 9.25 17.83 -27.67
C ASP B 47 8.88 18.54 -26.37
N TRP B 48 7.91 19.45 -26.45
CA TRP B 48 7.59 20.33 -25.33
C TRP B 48 6.08 20.38 -25.11
N VAL B 49 5.70 20.58 -23.86
CA VAL B 49 4.31 20.87 -23.49
C VAL B 49 4.27 22.32 -23.02
N LEU B 50 3.28 23.06 -23.52
CA LEU B 50 3.07 24.45 -23.15
C LEU B 50 1.73 24.58 -22.43
N ARG B 51 1.70 25.36 -21.36
CA ARG B 51 0.48 25.68 -20.64
C ARG B 51 0.32 27.20 -20.57
N LEU B 52 -0.84 27.68 -20.99
CA LEU B 52 -1.12 29.12 -21.02
C LEU B 52 -2.30 29.40 -20.11
N PRO B 53 -2.10 30.07 -18.97
CA PRO B 53 -3.24 30.39 -18.09
C PRO B 53 -4.29 31.21 -18.83
N ARG B 54 -5.55 30.89 -18.58
CA ARG B 54 -6.61 31.57 -19.31
C ARG B 54 -6.92 32.93 -18.71
N ARG B 55 -6.82 33.07 -17.39
CA ARG B 55 -7.20 34.28 -16.68
C ARG B 55 -6.18 34.58 -15.60
N PRO B 56 -6.06 35.86 -15.19
CA PRO B 56 -5.11 36.19 -14.11
C PRO B 56 -5.39 35.48 -12.80
N ASP B 57 -6.63 35.11 -12.51
CA ASP B 57 -6.93 34.47 -11.22
C ASP B 57 -6.36 33.06 -11.13
N VAL B 58 -5.83 32.51 -12.21
CA VAL B 58 -5.15 31.22 -12.20
C VAL B 58 -3.68 31.35 -11.80
N LEU B 59 -3.10 32.55 -11.88
CA LEU B 59 -1.64 32.66 -11.87
C LEU B 59 -1.05 32.28 -10.52
N GLU B 60 -1.68 32.66 -9.42
CA GLU B 60 -1.08 32.34 -8.12
C GLU B 60 -1.13 30.85 -7.85
N ARG B 61 -2.19 30.17 -8.29
CA ARG B 61 -2.28 28.72 -8.13
CA ARG B 61 -2.26 28.72 -8.11
C ARG B 61 -1.23 28.01 -8.97
N ALA B 62 -0.93 28.55 -10.16
CA ALA B 62 0.12 28.01 -11.00
C ALA B 62 1.49 28.27 -10.39
N ALA B 63 1.68 29.46 -9.79
CA ALA B 63 2.94 29.74 -9.10
C ALA B 63 3.15 28.78 -7.94
N VAL B 64 2.10 28.53 -7.16
CA VAL B 64 2.12 27.55 -6.07
C VAL B 64 2.52 26.19 -6.61
N GLU B 65 1.89 25.80 -7.72
CA GLU B 65 2.20 24.50 -8.33
C GLU B 65 3.67 24.39 -8.69
N GLY B 66 4.26 25.46 -9.23
CA GLY B 66 5.68 25.40 -9.54
C GLY B 66 6.54 25.13 -8.33
N ARG B 67 6.21 25.76 -7.20
CA ARG B 67 6.99 25.52 -5.98
C ARG B 67 6.74 24.12 -5.44
N LEU B 68 5.51 23.60 -5.59
CA LEU B 68 5.23 22.23 -5.16
C LEU B 68 6.00 21.21 -6.00
N LEU B 69 6.06 21.42 -7.32
CA LEU B 69 6.83 20.52 -8.17
C LEU B 69 8.30 20.48 -7.77
N ALA B 70 8.88 21.63 -7.40
CA ALA B 70 10.28 21.66 -7.03
C ALA B 70 10.56 20.83 -5.78
N MET B 71 9.63 20.79 -4.85
CA MET B 71 9.83 20.02 -3.64
C MET B 71 9.35 18.60 -3.76
N LEU B 72 8.44 18.36 -4.68
CA LEU B 72 7.80 17.06 -4.77
C LEU B 72 8.63 16.05 -5.55
N ALA B 73 9.35 16.51 -6.57
CA ALA B 73 9.99 15.61 -7.53
C ALA B 73 10.87 14.55 -6.89
N PRO B 74 11.79 14.88 -5.97
CA PRO B 74 12.65 13.82 -5.41
C PRO B 74 11.92 12.85 -4.49
N HIS B 75 10.67 13.13 -4.10
CA HIS B 75 9.89 12.24 -3.25
C HIS B 75 9.04 11.24 -4.03
N LEU B 76 8.87 11.44 -5.33
CA LEU B 76 8.07 10.52 -6.14
C LEU B 76 8.96 9.74 -7.09
N ASP B 77 8.63 8.47 -7.31
CA ASP B 77 9.33 7.66 -8.29
C ASP B 77 8.81 7.85 -9.71
N VAL B 78 7.54 8.26 -9.86
CA VAL B 78 7.03 8.66 -11.17
C VAL B 78 7.53 10.05 -11.51
N ALA B 79 7.58 10.36 -12.80
CA ALA B 79 8.04 11.68 -13.22
C ALA B 79 6.94 12.71 -13.02
N VAL B 80 7.35 13.94 -12.72
CA VAL B 80 6.43 15.08 -12.71
C VAL B 80 7.00 16.18 -13.59
N PRO B 81 6.17 17.13 -14.02
CA PRO B 81 6.66 18.17 -14.94
C PRO B 81 7.82 18.97 -14.37
N ASP B 82 8.84 19.17 -15.22
CA ASP B 82 10.03 19.95 -14.92
C ASP B 82 9.90 21.28 -15.68
N TRP B 83 9.34 22.28 -14.99
CA TRP B 83 9.04 23.56 -15.63
C TRP B 83 10.33 24.30 -15.95
N ARG B 84 10.75 24.25 -17.21
CA ARG B 84 11.93 25.01 -17.60
C ARG B 84 11.60 26.46 -17.92
N ILE B 85 10.33 26.76 -18.20
CA ILE B 85 9.85 28.13 -18.29
C ILE B 85 8.66 28.23 -17.34
N SER B 86 8.78 29.17 -16.39
CA SER B 86 7.82 29.30 -15.30
CA SER B 86 7.83 29.31 -15.28
C SER B 86 7.44 30.78 -15.17
N THR B 87 6.47 31.21 -15.97
CA THR B 87 6.06 32.61 -15.99
C THR B 87 4.53 32.70 -15.97
N SER B 88 4.03 33.92 -15.82
CA SER B 88 2.58 34.13 -15.78
C SER B 88 1.93 33.93 -17.14
N GLU B 89 2.65 34.21 -18.22
CA GLU B 89 2.05 34.04 -19.54
C GLU B 89 2.39 32.70 -20.18
N LEU B 90 3.34 31.93 -19.62
CA LEU B 90 3.74 30.69 -20.27
C LEU B 90 4.44 29.77 -19.27
N ILE B 91 3.95 28.55 -19.18
CA ILE B 91 4.62 27.45 -18.51
C ILE B 91 5.00 26.45 -19.59
N ALA B 92 6.24 25.96 -19.56
CA ALA B 92 6.67 24.99 -20.58
C ALA B 92 7.56 23.94 -19.95
N TYR B 93 7.34 22.68 -20.30
CA TYR B 93 8.20 21.63 -19.79
C TYR B 93 8.45 20.56 -20.86
N PRO B 94 9.60 19.89 -20.82
CA PRO B 94 9.87 18.87 -21.82
C PRO B 94 8.97 17.65 -21.63
N LEU B 95 8.70 16.97 -22.75
CA LEU B 95 7.77 15.83 -22.74
C LEU B 95 8.21 14.79 -21.72
N LEU B 96 7.23 14.27 -20.99
CA LEU B 96 7.45 13.30 -19.93
C LEU B 96 7.45 11.89 -20.49
N PRO B 97 7.91 10.90 -19.72
CA PRO B 97 7.80 9.51 -20.18
C PRO B 97 6.38 8.99 -20.01
N GLY B 98 5.88 8.34 -21.06
CA GLY B 98 4.62 7.65 -21.02
C GLY B 98 3.58 8.28 -21.94
N SER B 99 2.42 7.61 -22.01
CA SER B 99 1.26 8.02 -22.79
C SER B 99 0.07 8.27 -21.88
N PRO B 100 -0.77 9.26 -22.18
CA PRO B 100 -1.89 9.56 -21.28
C PRO B 100 -2.88 8.42 -21.20
N GLY B 101 -3.44 8.21 -20.00
CA GLY B 101 -4.37 7.12 -19.79
C GLY B 101 -5.65 7.28 -20.60
N LEU B 102 -6.04 8.51 -20.88
CA LEU B 102 -7.10 8.78 -21.84
C LEU B 102 -6.77 10.08 -22.55
N THR B 103 -7.31 10.24 -23.74
CA THR B 103 -7.30 11.51 -24.44
C THR B 103 -8.70 11.80 -24.94
N VAL B 104 -8.96 13.08 -25.19
CA VAL B 104 -10.25 13.55 -25.69
CA VAL B 104 -10.25 13.54 -25.70
C VAL B 104 -10.02 14.22 -27.04
N ALA B 105 -10.86 13.90 -28.01
CA ALA B 105 -10.73 14.50 -29.32
C ALA B 105 -11.28 15.93 -29.30
N ALA B 106 -10.94 16.70 -30.33
CA ALA B 106 -11.59 17.99 -30.52
C ALA B 106 -13.10 17.81 -30.63
N ASP B 107 -13.54 16.72 -31.25
CA ASP B 107 -14.94 16.30 -31.20
C ASP B 107 -15.44 16.23 -29.76
N GLY B 108 -14.60 15.74 -28.84
CA GLY B 108 -15.05 15.35 -27.52
C GLY B 108 -15.05 13.86 -27.32
N GLU B 109 -14.64 13.10 -28.33
CA GLU B 109 -14.57 11.64 -28.29
C GLU B 109 -13.50 11.21 -27.29
N VAL B 110 -13.91 10.67 -26.15
CA VAL B 110 -12.97 10.20 -25.14
C VAL B 110 -12.49 8.81 -25.51
N SER B 111 -11.18 8.65 -25.67
CA SER B 111 -10.57 7.39 -26.08
C SER B 111 -9.64 6.93 -24.96
N TRP B 112 -9.90 5.73 -24.44
CA TRP B 112 -9.13 5.20 -23.31
C TRP B 112 -7.90 4.46 -23.83
N HIS B 113 -6.73 4.83 -23.33
CA HIS B 113 -5.51 4.10 -23.68
C HIS B 113 -5.25 2.94 -22.73
N VAL B 114 -5.65 3.06 -21.47
CA VAL B 114 -5.61 1.97 -20.51
C VAL B 114 -7.03 1.73 -20.02
N ASP B 115 -7.39 0.45 -19.84
CA ASP B 115 -8.70 0.08 -19.34
C ASP B 115 -8.74 0.09 -17.82
N MET B 116 -9.83 0.61 -17.26
CA MET B 116 -9.96 0.69 -15.82
C MET B 116 -10.13 -0.66 -15.12
N ALA B 117 -10.43 -1.70 -15.88
CA ALA B 117 -10.41 -3.05 -15.34
C ALA B 117 -9.00 -3.61 -15.19
N SER B 118 -7.97 -2.84 -15.58
CA SER B 118 -6.60 -3.34 -15.54
C SER B 118 -6.15 -3.54 -14.09
N THR B 119 -5.67 -4.76 -13.82
CA THR B 119 -5.09 -4.98 -12.49
C THR B 119 -3.72 -4.31 -12.37
N VAL B 120 -2.94 -4.28 -13.47
CA VAL B 120 -1.66 -3.58 -13.48
C VAL B 120 -1.84 -2.11 -13.12
N TYR B 121 -2.80 -1.44 -13.75
CA TYR B 121 -2.98 -0.02 -13.48
C TYR B 121 -3.48 0.21 -12.05
N ALA B 122 -4.38 -0.65 -11.59
CA ALA B 122 -4.91 -0.52 -10.23
C ALA B 122 -3.79 -0.60 -9.20
N ARG B 123 -2.92 -1.61 -9.33
CA ARG B 123 -1.81 -1.73 -8.39
C ARG B 123 -0.86 -0.53 -8.51
N SER B 124 -0.59 -0.09 -9.74
CA SER B 124 0.26 1.07 -9.95
C SER B 124 -0.32 2.31 -9.29
N LEU B 125 -1.62 2.55 -9.47
CA LEU B 125 -2.22 3.75 -8.89
C LEU B 125 -2.16 3.71 -7.36
N GLY B 126 -2.48 2.56 -6.76
CA GLY B 126 -2.44 2.47 -5.31
C GLY B 126 -1.05 2.74 -4.77
N SER B 127 -0.03 2.31 -5.51
CA SER B 127 1.34 2.51 -5.07
CA SER B 127 1.35 2.51 -5.08
C SER B 127 1.75 3.98 -5.19
N VAL B 128 1.41 4.61 -6.31
CA VAL B 128 1.74 6.02 -6.53
C VAL B 128 1.03 6.88 -5.49
N VAL B 129 -0.24 6.60 -5.23
CA VAL B 129 -1.00 7.42 -4.29
C VAL B 129 -0.42 7.25 -2.88
N ALA B 130 -0.04 6.03 -2.51
CA ALA B 130 0.59 5.80 -1.21
C ALA B 130 1.85 6.65 -1.06
N GLN B 131 2.68 6.68 -2.10
CA GLN B 131 3.91 7.46 -2.03
C GLN B 131 3.60 8.95 -1.89
N LEU B 132 2.62 9.44 -2.67
CA LEU B 132 2.25 10.85 -2.57
C LEU B 132 1.72 11.19 -1.19
N HIS B 133 0.85 10.34 -0.64
CA HIS B 133 0.23 10.64 0.65
C HIS B 133 1.20 10.52 1.82
N ALA B 134 2.37 9.90 1.62
CA ALA B 134 3.38 9.87 2.65
C ALA B 134 4.28 11.11 2.66
N VAL B 135 4.13 12.01 1.68
CA VAL B 135 5.02 13.16 1.60
C VAL B 135 4.77 14.09 2.79
N ASP B 136 5.87 14.59 3.38
CA ASP B 136 5.82 15.49 4.53
C ASP B 136 4.86 16.66 4.28
N ALA B 137 3.76 16.69 5.02
CA ALA B 137 2.70 17.65 4.74
C ALA B 137 3.09 19.06 5.16
N GLU B 138 3.99 19.19 6.14
CA GLU B 138 4.44 20.51 6.54
C GLU B 138 5.33 21.14 5.48
N ALA B 139 6.26 20.36 4.92
CA ALA B 139 7.03 20.84 3.78
C ALA B 139 6.14 21.17 2.61
N ALA B 140 5.11 20.35 2.38
CA ALA B 140 4.18 20.60 1.29
C ALA B 140 3.42 21.90 1.50
N ALA B 141 2.97 22.15 2.71
CA ALA B 141 2.18 23.34 2.98
C ALA B 141 3.00 24.61 2.79
N ALA B 142 4.32 24.55 2.99
CA ALA B 142 5.15 25.74 2.85
C ALA B 142 5.17 26.28 1.42
N THR B 143 4.77 25.47 0.44
CA THR B 143 4.71 25.95 -0.94
C THR B 143 3.53 26.89 -1.17
N GLY B 144 2.55 26.90 -0.28
CA GLY B 144 1.40 27.77 -0.43
C GLY B 144 0.11 27.07 -0.79
N ILE B 145 0.11 25.73 -0.90
CA ILE B 145 -1.11 24.99 -1.17
C ILE B 145 -2.09 25.15 -0.01
N GLU B 146 -3.36 24.87 -0.33
CA GLU B 146 -4.44 24.88 0.65
C GLU B 146 -4.23 23.71 1.61
N VAL B 147 -4.61 23.88 2.86
CA VAL B 147 -4.49 22.85 3.89
C VAL B 147 -5.81 22.76 4.64
N ARG B 148 -6.34 21.54 4.77
CA ARG B 148 -7.55 21.30 5.56
C ARG B 148 -7.34 20.10 6.46
N SER B 149 -7.57 20.29 7.75
CA SER B 149 -7.70 19.23 8.74
C SER B 149 -8.92 18.38 8.41
N PRO B 150 -9.08 17.20 9.02
CA PRO B 150 -10.27 16.40 8.72
C PRO B 150 -11.57 17.11 9.08
N ALA B 151 -11.59 17.83 10.20
CA ALA B 151 -12.76 18.62 10.54
C ALA B 151 -13.05 19.68 9.48
N GLN B 152 -12.01 20.35 8.98
CA GLN B 152 -12.21 21.38 7.97
C GLN B 152 -12.62 20.79 6.63
N VAL B 153 -12.23 19.53 6.37
CA VAL B 153 -12.70 18.87 5.15
C VAL B 153 -14.21 18.72 5.17
N ARG B 154 -14.76 18.13 6.24
CA ARG B 154 -16.20 17.96 6.35
C ARG B 154 -16.91 19.31 6.45
N GLY B 155 -16.37 20.24 7.23
CA GLY B 155 -17.00 21.54 7.34
C GLY B 155 -17.02 22.30 6.03
N ALA B 156 -16.00 22.12 5.19
CA ALA B 156 -15.96 22.82 3.92
C ALA B 156 -17.07 22.35 2.99
N TRP B 157 -17.38 21.06 3.01
CA TRP B 157 -18.47 20.59 2.16
C TRP B 157 -19.81 21.13 2.66
N ARG B 158 -19.99 21.28 3.98
CA ARG B 158 -21.19 21.90 4.51
C ARG B 158 -21.29 23.37 4.06
N GLN B 159 -20.18 24.11 4.15
CA GLN B 159 -20.14 25.49 3.67
C GLN B 159 -20.46 25.58 2.18
N ASP B 160 -19.88 24.68 1.40
CA ASP B 160 -20.04 24.72 -0.05
C ASP B 160 -21.48 24.46 -0.46
N LEU B 161 -22.13 23.46 0.15
CA LEU B 161 -23.54 23.19 -0.14
C LEU B 161 -24.40 24.43 0.11
N ALA B 162 -24.15 25.12 1.23
CA ALA B 162 -24.98 26.28 1.58
C ALA B 162 -24.71 27.46 0.65
N ARG B 163 -23.46 27.65 0.26
CA ARG B 163 -23.12 28.77 -0.61
C ARG B 163 -23.59 28.55 -2.04
N VAL B 164 -23.39 27.33 -2.57
CA VAL B 164 -23.93 27.03 -3.90
C VAL B 164 -25.45 27.08 -3.88
N GLY B 165 -26.08 26.54 -2.85
CA GLY B 165 -27.54 26.55 -2.77
C GLY B 165 -28.13 27.93 -2.63
N ALA B 166 -27.36 28.90 -2.16
CA ALA B 166 -27.84 30.28 -2.13
C ALA B 166 -27.76 30.96 -3.49
N GLU B 167 -26.96 30.43 -4.42
CA GLU B 167 -26.75 31.04 -5.72
C GLU B 167 -27.37 30.27 -6.88
N PHE B 168 -27.64 28.97 -6.71
CA PHE B 168 -28.18 28.11 -7.74
C PHE B 168 -29.37 27.32 -7.23
N GLU B 169 -30.34 27.09 -8.12
CA GLU B 169 -31.37 26.09 -7.87
C GLU B 169 -30.74 24.70 -7.82
N ILE B 170 -31.02 23.94 -6.77
CA ILE B 170 -30.50 22.57 -6.63
C ILE B 170 -31.69 21.61 -6.59
N ALA B 171 -31.65 20.59 -7.45
CA ALA B 171 -32.68 19.57 -7.42
C ALA B 171 -32.75 18.94 -6.03
N PRO B 172 -33.94 18.84 -5.43
CA PRO B 172 -34.02 18.28 -4.07
C PRO B 172 -33.49 16.87 -3.97
N ALA B 173 -33.63 16.05 -5.02
CA ALA B 173 -33.05 14.72 -5.00
C ALA B 173 -31.54 14.78 -4.77
N LEU B 174 -30.87 15.74 -5.42
CA LEU B 174 -29.43 15.89 -5.25
C LEU B 174 -29.08 16.43 -3.86
N ARG B 175 -29.76 17.51 -3.44
CA ARG B 175 -29.49 18.08 -2.12
C ARG B 175 -29.73 17.05 -1.01
N GLU B 176 -30.81 16.26 -1.11
CA GLU B 176 -31.09 15.28 -0.06
C GLU B 176 -30.03 14.19 -0.04
N ARG B 177 -29.57 13.76 -1.21
CA ARG B 177 -28.47 12.79 -1.23
C ARG B 177 -27.23 13.33 -0.55
N TRP B 178 -26.85 14.56 -0.87
CA TRP B 178 -25.63 15.13 -0.29
C TRP B 178 -25.80 15.41 1.20
N GLU B 179 -27.02 15.75 1.67
CA GLU B 179 -27.20 15.91 3.11
C GLU B 179 -27.03 14.58 3.85
N ALA B 180 -27.50 13.48 3.26
CA ALA B 180 -27.30 12.17 3.89
C ALA B 180 -25.82 11.79 3.93
N TRP B 181 -25.08 12.17 2.90
CA TRP B 181 -23.64 11.93 2.88
C TRP B 181 -22.94 12.72 3.97
N LEU B 182 -23.26 14.01 4.10
CA LEU B 182 -22.66 14.84 5.14
C LEU B 182 -23.00 14.35 6.54
N ALA B 183 -24.15 13.69 6.71
CA ALA B 183 -24.55 13.21 8.03
C ALA B 183 -23.90 11.89 8.43
N ASP B 184 -23.33 11.14 7.48
CA ASP B 184 -22.82 9.79 7.69
C ASP B 184 -21.38 9.82 8.21
N ASP B 185 -21.18 9.71 9.53
CA ASP B 185 -19.85 9.78 10.12
C ASP B 185 -18.86 8.79 9.48
N GLY B 186 -19.33 7.60 9.13
CA GLY B 186 -18.45 6.57 8.62
C GLY B 186 -17.79 6.88 7.29
N CYS B 187 -18.32 7.86 6.55
CA CYS B 187 -17.70 8.24 5.28
C CYS B 187 -16.40 9.01 5.48
N TRP B 188 -16.29 9.73 6.58
CA TRP B 188 -15.38 10.87 6.55
C TRP B 188 -14.01 10.51 7.12
N PRO B 189 -12.96 11.03 6.49
CA PRO B 189 -11.59 10.73 6.94
C PRO B 189 -11.28 11.32 8.30
N GLY B 190 -10.40 10.64 9.02
CA GLY B 190 -9.87 11.11 10.27
C GLY B 190 -8.46 11.64 10.20
N HIS B 191 -7.85 11.66 9.02
CA HIS B 191 -6.51 12.20 8.82
C HIS B 191 -6.44 12.88 7.45
N SER B 192 -5.54 13.85 7.33
CA SER B 192 -5.33 14.59 6.10
C SER B 192 -3.94 14.32 5.56
N VAL B 193 -3.81 14.36 4.23
CA VAL B 193 -2.55 14.09 3.53
C VAL B 193 -2.40 15.04 2.35
N LEU B 194 -1.19 15.11 1.81
CA LEU B 194 -0.98 15.79 0.53
C LEU B 194 -1.70 15.04 -0.57
N THR B 195 -2.50 15.75 -1.36
CA THR B 195 -3.30 15.13 -2.41
C THR B 195 -3.13 15.86 -3.73
N HIS B 196 -3.37 15.13 -4.81
CA HIS B 196 -3.31 15.69 -6.16
C HIS B 196 -4.63 16.39 -6.50
N GLY B 197 -5.76 15.69 -6.34
CA GLY B 197 -7.07 16.30 -6.52
C GLY B 197 -7.74 16.01 -7.84
N GLU B 198 -6.97 15.71 -8.89
CA GLU B 198 -7.53 15.40 -10.21
C GLU B 198 -6.82 14.18 -10.79
N LEU B 199 -6.77 13.11 -10.02
CA LEU B 199 -6.03 11.90 -10.38
C LEU B 199 -6.91 10.94 -11.18
N TYR B 200 -7.38 11.43 -12.32
CA TYR B 200 -8.05 10.63 -13.32
C TYR B 200 -7.12 10.39 -14.50
N PRO B 201 -7.38 9.41 -15.37
CA PRO B 201 -6.30 8.86 -16.22
C PRO B 201 -5.68 9.82 -17.21
N ALA B 202 -6.32 10.94 -17.55
CA ALA B 202 -5.67 11.92 -18.41
C ALA B 202 -4.41 12.47 -17.77
N HIS B 203 -4.36 12.48 -16.43
CA HIS B 203 -3.29 13.06 -15.64
C HIS B 203 -2.24 12.04 -15.24
N THR B 204 -2.40 10.78 -15.60
CA THR B 204 -1.44 9.72 -15.31
C THR B 204 -0.94 9.17 -16.64
N LEU B 205 0.33 9.41 -16.96
CA LEU B 205 0.94 8.79 -18.13
C LEU B 205 1.34 7.36 -17.79
N VAL B 206 1.25 6.48 -18.78
CA VAL B 206 1.45 5.06 -18.57
C VAL B 206 2.35 4.45 -19.65
N GLU B 207 2.98 3.35 -19.29
CA GLU B 207 3.67 2.49 -20.24
C GLU B 207 3.47 1.07 -19.75
N ASP B 208 2.96 0.21 -20.64
CA ASP B 208 2.63 -1.17 -20.27
C ASP B 208 1.65 -1.18 -19.10
N GLU B 209 0.74 -0.20 -19.08
CA GLU B 209 -0.34 -0.01 -18.10
C GLU B 209 0.15 0.47 -16.73
N ARG B 210 1.44 0.72 -16.56
CA ARG B 210 2.00 1.21 -15.31
C ARG B 210 2.21 2.71 -15.40
N ILE B 211 1.94 3.40 -14.29
CA ILE B 211 2.10 4.86 -14.28
C ILE B 211 3.59 5.21 -14.28
N THR B 212 3.97 6.05 -15.24
CA THR B 212 5.33 6.56 -15.36
C THR B 212 5.45 8.04 -15.06
N ALA B 213 4.34 8.78 -15.09
CA ALA B 213 4.36 10.22 -14.86
C ALA B 213 2.99 10.70 -14.45
N VAL B 214 2.96 11.78 -13.66
CA VAL B 214 1.72 12.41 -13.24
C VAL B 214 1.85 13.91 -13.50
N LEU B 215 0.85 14.47 -14.16
CA LEU B 215 0.87 15.88 -14.54
C LEU B 215 -0.30 16.64 -13.92
N ASP B 216 -0.31 17.95 -14.18
CA ASP B 216 -1.41 18.86 -13.82
C ASP B 216 -1.67 18.85 -12.31
N TRP B 217 -0.73 19.45 -11.59
CA TRP B 217 -0.75 19.47 -10.12
C TRP B 217 -1.40 20.71 -9.54
N THR B 218 -2.12 21.49 -10.36
CA THR B 218 -2.65 22.79 -9.92
C THR B 218 -3.68 22.69 -8.81
N THR B 219 -4.35 21.55 -8.63
CA THR B 219 -5.36 21.43 -7.59
CA THR B 219 -5.38 21.38 -7.61
C THR B 219 -4.84 20.77 -6.32
N ALA B 220 -3.52 20.53 -6.24
CA ALA B 220 -2.97 19.86 -5.08
C ALA B 220 -3.26 20.62 -3.79
N ALA B 221 -3.51 19.86 -2.73
CA ALA B 221 -3.87 20.43 -1.43
C ALA B 221 -3.65 19.37 -0.37
N VAL B 222 -3.53 19.82 0.87
CA VAL B 222 -3.56 18.87 1.98
C VAL B 222 -5.00 18.75 2.45
N GLY B 223 -5.49 17.51 2.47
CA GLY B 223 -6.88 17.26 2.80
C GLY B 223 -7.22 15.78 2.65
N ASP B 224 -8.43 15.51 2.16
CA ASP B 224 -9.09 14.22 2.11
C ASP B 224 -8.33 13.21 1.24
N PRO B 225 -7.74 12.16 1.83
CA PRO B 225 -7.06 11.13 1.02
C PRO B 225 -7.95 10.53 -0.06
N ALA B 226 -9.26 10.48 0.16
CA ALA B 226 -10.10 9.76 -0.77
C ALA B 226 -10.19 10.43 -2.13
N LYS B 227 -9.86 11.73 -2.23
CA LYS B 227 -9.94 12.42 -3.52
C LYS B 227 -9.06 11.76 -4.57
N ASP B 228 -7.93 11.19 -4.16
CA ASP B 228 -7.01 10.58 -5.12
C ASP B 228 -7.33 9.13 -5.45
N LEU B 229 -8.27 8.49 -4.73
CA LEU B 229 -8.77 7.19 -5.11
C LEU B 229 -10.16 7.24 -5.73
N MET B 230 -10.82 8.38 -5.63
CA MET B 230 -12.19 8.52 -6.10
C MET B 230 -12.46 8.25 -7.57
N PHE B 231 -11.59 8.70 -8.45
CA PHE B 231 -11.85 8.53 -9.87
C PHE B 231 -11.74 7.07 -10.27
N HIS B 232 -10.78 6.36 -9.68
CA HIS B 232 -10.67 4.91 -9.88
C HIS B 232 -11.85 4.17 -9.25
N GLN B 233 -12.26 4.58 -8.05
CA GLN B 233 -13.35 3.88 -7.37
C GLN B 233 -14.64 3.92 -8.20
N VAL B 234 -14.91 5.05 -8.87
CA VAL B 234 -16.17 5.14 -9.62
C VAL B 234 -16.07 4.52 -11.02
N SER B 235 -14.85 4.28 -11.53
CA SER B 235 -14.69 3.81 -12.90
C SER B 235 -14.24 2.35 -13.01
N ALA B 236 -13.56 1.82 -11.99
CA ALA B 236 -13.06 0.45 -12.05
C ALA B 236 -14.07 -0.50 -11.45
N PRO B 237 -14.05 -1.77 -11.86
CA PRO B 237 -14.83 -2.78 -11.14
C PRO B 237 -14.40 -2.86 -9.69
N SER B 238 -15.37 -3.19 -8.82
CA SER B 238 -15.11 -3.19 -7.38
C SER B 238 -13.92 -4.08 -7.00
N ALA B 239 -13.81 -5.25 -7.63
CA ALA B 239 -12.66 -6.10 -7.32
C ALA B 239 -11.34 -5.48 -7.78
N ILE B 240 -11.38 -4.61 -8.79
CA ILE B 240 -10.16 -3.96 -9.24
C ILE B 240 -9.82 -2.76 -8.35
N PHE B 241 -10.83 -2.03 -7.88
CA PHE B 241 -10.56 -1.02 -6.86
C PHE B 241 -9.99 -1.66 -5.60
N GLU B 242 -10.43 -2.88 -5.26
CA GLU B 242 -9.83 -3.57 -4.14
C GLU B 242 -8.32 -3.77 -4.34
N VAL B 243 -7.89 -4.04 -5.58
CA VAL B 243 -6.46 -4.15 -5.85
C VAL B 243 -5.76 -2.82 -5.55
N ALA B 244 -6.39 -1.71 -5.94
CA ALA B 244 -5.79 -0.41 -5.65
C ALA B 244 -5.72 -0.16 -4.15
N LEU B 245 -6.80 -0.50 -3.42
CA LEU B 245 -6.78 -0.34 -1.96
C LEU B 245 -5.69 -1.16 -1.30
N GLN B 246 -5.50 -2.41 -1.75
CA GLN B 246 -4.46 -3.25 -1.16
C GLN B 246 -3.07 -2.70 -1.43
N ALA B 247 -2.83 -2.15 -2.63
CA ALA B 247 -1.53 -1.56 -2.93
C ALA B 247 -1.33 -0.28 -2.12
N TYR B 248 -2.39 0.52 -1.99
CA TYR B 248 -2.34 1.73 -1.17
C TYR B 248 -1.92 1.41 0.26
N ALA B 249 -2.60 0.44 0.88
CA ALA B 249 -2.29 0.06 2.26
C ALA B 249 -0.89 -0.53 2.35
N GLU B 250 -0.50 -1.38 1.39
CA GLU B 250 0.82 -1.97 1.41
C GLU B 250 1.90 -0.90 1.34
N GLY B 251 1.59 0.25 0.73
CA GLY B 251 2.53 1.35 0.65
C GLY B 251 2.48 2.34 1.79
N GLY B 252 1.65 2.10 2.80
CA GLY B 252 1.51 2.99 3.94
C GLY B 252 0.22 3.77 4.01
N GLY B 253 -0.61 3.74 2.97
CA GLY B 253 -1.92 4.37 3.06
C GLY B 253 -2.77 3.75 4.16
N ARG B 254 -3.72 4.53 4.66
CA ARG B 254 -4.55 4.10 5.79
CA ARG B 254 -4.56 4.10 5.79
C ARG B 254 -6.02 4.27 5.43
N PRO B 255 -6.56 3.40 4.57
CA PRO B 255 -7.96 3.54 4.18
C PRO B 255 -8.88 3.13 5.32
N TRP B 256 -10.04 3.76 5.36
CA TRP B 256 -11.03 3.49 6.38
C TRP B 256 -12.22 2.71 5.80
N PRO B 257 -12.99 2.01 6.63
CA PRO B 257 -14.06 1.14 6.10
C PRO B 257 -15.04 1.82 5.15
N GLY B 258 -15.44 3.05 5.41
CA GLY B 258 -16.39 3.70 4.52
C GLY B 258 -15.78 4.39 3.32
N LEU B 259 -14.51 4.13 2.99
CA LEU B 259 -13.83 4.89 1.96
C LEU B 259 -14.52 4.75 0.59
N ALA B 260 -14.81 3.52 0.17
CA ALA B 260 -15.43 3.36 -1.15
C ALA B 260 -16.78 4.07 -1.22
N ARG B 261 -17.61 3.91 -0.19
CA ARG B 261 -18.89 4.61 -0.13
C ARG B 261 -18.71 6.12 -0.25
N HIS B 262 -17.75 6.65 0.51
CA HIS B 262 -17.43 8.08 0.47
C HIS B 262 -17.02 8.54 -0.92
N CYS B 263 -16.20 7.73 -1.62
CA CYS B 263 -15.77 8.09 -2.98
C CYS B 263 -16.96 8.29 -3.91
N THR B 264 -17.89 7.34 -3.91
CA THR B 264 -19.02 7.43 -4.85
C THR B 264 -19.95 8.59 -4.46
N GLU B 265 -20.20 8.78 -3.16
CA GLU B 265 -21.02 9.91 -2.74
C GLU B 265 -20.35 11.24 -3.10
N MET B 266 -19.05 11.33 -2.88
CA MET B 266 -18.32 12.55 -3.19
C MET B 266 -18.35 12.83 -4.69
N PHE B 267 -18.22 11.80 -5.51
CA PHE B 267 -18.22 12.00 -6.96
C PHE B 267 -19.58 12.49 -7.42
N SER B 268 -20.66 12.05 -6.77
CA SER B 268 -21.99 12.52 -7.11
C SER B 268 -22.17 13.99 -6.76
N ALA B 269 -21.35 14.53 -5.85
CA ALA B 269 -21.40 15.96 -5.52
C ALA B 269 -20.52 16.80 -6.43
N ALA B 270 -20.09 16.26 -7.56
CA ALA B 270 -19.35 17.06 -8.53
C ALA B 270 -20.06 18.35 -8.92
N PRO B 271 -21.40 18.40 -9.04
CA PRO B 271 -22.05 19.69 -9.36
C PRO B 271 -21.77 20.80 -8.36
N LEU B 272 -21.56 20.48 -7.08
CA LEU B 272 -21.16 21.52 -6.12
C LEU B 272 -19.83 22.14 -6.52
N GLY B 273 -18.85 21.31 -6.92
CA GLY B 273 -17.58 21.85 -7.39
C GLY B 273 -17.73 22.74 -8.59
N TYR B 274 -18.60 22.37 -9.52
CA TYR B 274 -18.90 23.23 -10.67
C TYR B 274 -19.51 24.55 -10.23
N GLY B 275 -20.47 24.51 -9.29
CA GLY B 275 -21.07 25.74 -8.80
C GLY B 275 -20.05 26.67 -8.17
N LEU B 276 -19.16 26.11 -7.33
CA LEU B 276 -18.10 26.92 -6.73
C LEU B 276 -17.17 27.51 -7.78
N TYR B 277 -16.79 26.71 -8.78
CA TYR B 277 -15.93 27.21 -9.84
C TYR B 277 -16.59 28.38 -10.56
N ALA B 278 -17.88 28.25 -10.86
CA ALA B 278 -18.60 29.33 -11.54
C ALA B 278 -18.69 30.56 -10.66
N LEU B 279 -18.85 30.38 -9.34
CA LEU B 279 -18.88 31.55 -8.47
C LEU B 279 -17.55 32.27 -8.45
N ALA B 280 -16.45 31.54 -8.59
CA ALA B 280 -15.12 32.15 -8.61
C ALA B 280 -14.88 32.94 -9.88
N THR B 281 -15.10 32.32 -11.05
CA THR B 281 -14.78 32.99 -12.31
C THR B 281 -15.83 34.03 -12.68
N GLY B 282 -17.10 33.75 -12.40
CA GLY B 282 -18.17 34.66 -12.77
C GLY B 282 -18.61 34.61 -14.22
N GLU B 283 -18.07 33.69 -15.01
CA GLU B 283 -18.33 33.63 -16.44
C GLU B 283 -19.60 32.87 -16.76
N ALA B 284 -20.36 33.39 -17.74
CA ALA B 284 -21.69 32.86 -18.03
C ALA B 284 -21.64 31.39 -18.45
N ALA B 285 -20.66 31.01 -19.25
CA ALA B 285 -20.59 29.63 -19.70
C ALA B 285 -20.38 28.69 -18.51
N HIS B 286 -19.62 29.11 -17.51
CA HIS B 286 -19.44 28.30 -16.32
C HIS B 286 -20.71 28.23 -15.49
N ARG B 287 -21.43 29.35 -15.37
CA ARG B 287 -22.65 29.33 -14.57
C ARG B 287 -23.72 28.45 -15.23
N GLU B 288 -23.86 28.53 -16.56
CA GLU B 288 -24.87 27.73 -17.25
C GLU B 288 -24.60 26.25 -17.10
N ALA B 289 -23.33 25.83 -17.21
CA ALA B 289 -23.00 24.41 -17.07
C ALA B 289 -23.22 23.92 -15.64
N ALA B 290 -22.83 24.73 -14.65
CA ALA B 290 -23.08 24.35 -13.26
C ALA B 290 -24.58 24.32 -12.95
N ALA B 291 -25.32 25.29 -13.45
CA ALA B 291 -26.77 25.32 -13.20
C ALA B 291 -27.42 24.06 -13.74
N ALA B 292 -26.98 23.58 -14.90
CA ALA B 292 -27.56 22.38 -15.48
C ALA B 292 -27.17 21.14 -14.70
N ALA B 293 -25.96 21.11 -14.11
CA ALA B 293 -25.54 19.97 -13.31
C ALA B 293 -26.26 19.93 -11.97
N LEU B 294 -26.55 21.11 -11.40
CA LEU B 294 -27.21 21.22 -10.10
C LEU B 294 -28.71 20.99 -10.17
N ASN B 295 -29.33 21.24 -11.33
CA ASN B 295 -30.77 21.11 -11.49
C ASN B 295 -31.06 20.54 -12.86
N PRO B 296 -30.75 19.26 -13.07
CA PRO B 296 -30.86 18.68 -14.41
C PRO B 296 -32.31 18.61 -14.86
N PRO B 297 -32.59 18.95 -16.11
CA PRO B 297 -33.93 18.69 -16.66
C PRO B 297 -34.01 17.29 -17.22
N GLU B 298 -35.17 16.92 -17.76
CA GLU B 298 -35.36 15.57 -18.27
C GLU B 298 -34.61 15.39 -19.58
N GLU B 299 -33.72 14.39 -19.61
CA GLU B 299 -32.76 14.20 -20.68
C GLU B 299 -33.39 13.69 -21.97
C1 ZIT C . 8.12 -8.46 6.87
C2 ZIT C . 7.59 -9.89 6.53
C3 ZIT C . 7.18 -9.83 5.08
C4 ZIT C . 5.64 -9.57 5.12
C5 ZIT C . 5.03 -9.51 3.71
C6 ZIT C . 4.65 -8.08 3.41
C7 ZIT C . 3.28 -7.73 4.05
C8 ZIT C . 2.92 -6.24 3.72
C9 ZIT C . 3.08 -5.34 4.97
N10 ZIT C . 4.57 -4.94 5.16
C11 ZIT C . 4.95 -4.71 6.54
C12 ZIT C . 6.38 -5.24 6.77
C13 ZIT C . 6.81 -5.42 8.22
C14 ZIT C . 7.98 -6.40 8.27
C15 ZIT C . 8.64 -6.35 9.64
C16 ZIT C . 9.68 -7.50 9.78
C17 ZIT C . 8.62 -10.92 6.88
C18 ZIT C . 4.99 -10.61 5.98
C19 ZIT C . 4.60 -7.89 1.89
C20 ZIT C . 1.56 -6.18 3.21
C21 ZIT C . 4.89 -3.79 4.29
C22 ZIT C . 4.84 -3.25 6.91
C23 ZIT C . 5.68 -5.96 9.10
O1 ZIT C . 8.96 -7.93 6.18
O6 ZIT C . 5.62 -7.19 3.94
O12 ZIT C . 7.32 -4.41 6.13
O13 ZIT C . 7.26 -4.14 8.74
O14 ZIT C . 7.51 -7.74 8.06
C1A ZIT C . 4.00 -11.51 2.86
C2A ZIT C . 2.82 -12.43 3.04
C3A ZIT C . 3.08 -13.71 2.34
C4A ZIT C . 3.40 -13.47 0.91
C5A ZIT C . 4.43 -12.36 0.68
C6A ZIT C . 4.51 -11.97 -0.73
C7A ZIT C . 0.75 -14.09 1.81
C8A ZIT C . 2.18 -15.97 1.97
O1A ZIT C . 3.87 -10.34 3.64
O2A ZIT C . 2.56 -12.68 4.42
N3A ZIT C . 1.90 -14.62 2.48
O5A ZIT C . 4.15 -11.14 1.44
C1B ZIT C . 8.77 -10.87 3.61
C2B ZIT C . 9.43 -12.23 3.51
C3B ZIT C . 8.84 -13.10 2.46
C4B ZIT C . 8.78 -12.39 1.17
C5B ZIT C . 8.00 -11.11 1.30
C6B ZIT C . 7.95 -10.47 -0.06
C7B ZIT C . 9.72 -14.40 2.35
C8B ZIT C . 7.30 -14.57 3.64
O1B ZIT C . 7.52 -11.00 4.30
O3B ZIT C . 7.48 -13.43 2.82
O4B ZIT C . 8.03 -13.19 0.23
O5B ZIT C . 8.57 -10.19 2.30
S SO4 D . 24.80 0.02 15.28
O1 SO4 D . 23.89 0.76 16.14
O2 SO4 D . 25.91 -0.46 16.08
O3 SO4 D . 24.07 -1.13 14.74
O4 SO4 D . 25.28 0.87 14.18
CL CL E . 15.98 -22.52 5.10
CL CL F . -6.08 -16.38 7.72
CL CL G . 16.29 -11.12 32.12
CL CL H . 2.79 -26.72 5.71
C1 ZIT I . -18.81 -11.27 34.27
C2 ZIT I . -17.45 -11.87 34.79
C3 ZIT I . -17.65 -12.89 35.90
C4 ZIT I . -18.62 -14.08 35.60
C5 ZIT I . -17.97 -15.23 34.78
C6 ZIT I . -18.93 -15.94 33.84
C7 ZIT I . -20.00 -16.78 34.59
C8 ZIT I . -21.13 -17.26 33.65
C9 ZIT I . -22.40 -16.37 33.81
N10 ZIT I . -22.24 -15.04 33.04
C11 ZIT I . -22.86 -13.94 33.76
C12 ZIT I . -22.11 -12.63 33.49
C13 ZIT I . -22.28 -11.58 34.59
C14 ZIT I . -21.10 -10.60 34.56
C15 ZIT I . -21.45 -9.33 35.30
C16 ZIT I . -20.23 -8.36 35.26
C17 ZIT I . -16.67 -12.37 33.61
C18 ZIT I . -19.11 -14.57 36.94
C19 ZIT I . -18.12 -16.87 32.93
C20 ZIT I . -21.48 -18.64 33.97
C21 ZIT I . -22.75 -15.18 31.67
C22 ZIT I . -24.33 -13.81 33.38
C23 ZIT I . -22.40 -12.22 35.99
O1 ZIT I . -18.90 -10.88 33.12
O6 ZIT I . -19.59 -14.97 33.05
O12 ZIT I . -22.54 -12.06 32.28
O13 ZIT I . -23.45 -10.80 34.30
O14 ZIT I . -19.97 -11.19 35.21
C1A ZIT I . -16.06 -16.00 36.02
C2A ZIT I . -15.51 -17.26 36.64
C3A ZIT I . -14.10 -17.06 37.10
C4A ZIT I . -13.24 -16.59 35.99
C5A ZIT I . -13.82 -15.32 35.35
C6A ZIT I . -13.02 -14.87 34.20
C7A ZIT I . -12.32 -18.24 38.21
C8A ZIT I . -13.70 -19.45 36.75
O1A ZIT I . -17.38 -16.23 35.62
O2A ZIT I . -16.30 -17.62 37.78
N3A ZIT I . -13.66 -18.35 37.70
O5A ZIT I . -15.21 -15.52 34.91
C1B ZIT I . -17.15 -11.48 37.82
C2B ZIT I . -17.78 -10.47 38.76
C3B ZIT I . -18.15 -11.02 40.12
C4B ZIT I . -17.11 -11.93 40.68
C5B ZIT I . -16.82 -13.04 39.71
C6B ZIT I . -15.81 -14.03 40.28
C7B ZIT I . -18.38 -9.80 41.09
C8B ZIT I . -20.46 -11.16 39.44
O1B ZIT I . -18.12 -12.20 37.10
O3B ZIT I . -19.36 -11.80 40.03
O4B ZIT I . -17.54 -12.50 41.93
O5B ZIT I . -16.24 -12.47 38.48
C1 ZIT J . -14.19 14.25 -15.79
C2 ZIT J . -13.80 14.79 -14.38
C3 ZIT J . -14.31 16.21 -14.17
C4 ZIT J . -13.58 17.22 -15.12
C5 ZIT J . -14.20 18.66 -15.07
C6 ZIT J . -15.06 18.92 -16.29
C7 ZIT J . -14.23 19.58 -17.43
C8 ZIT J . -15.01 19.65 -18.78
C9 ZIT J . -14.46 18.59 -19.78
N10 ZIT J . -15.10 17.22 -19.46
C11 ZIT J . -14.37 16.08 -19.96
C12 ZIT J . -14.64 14.88 -19.04
C13 ZIT J . -13.60 13.77 -19.09
C14 ZIT J . -13.64 13.01 -17.77
C15 ZIT J . -12.79 11.75 -17.87
C16 ZIT J . -13.14 10.77 -16.70
C17 ZIT J . -14.39 13.74 -13.50
C18 ZIT J . -12.13 17.32 -14.75
C19 ZIT J . -16.21 19.86 -15.89
C20 ZIT J . -14.84 20.97 -19.37
C21 ZIT J . -16.52 17.25 -19.83
C22 ZIT J . -14.73 15.73 -21.38
C23 ZIT J . -12.17 14.32 -19.29
O1 ZIT J . -15.36 14.15 -16.10
O6 ZIT J . -15.64 17.72 -16.76
O12 ZIT J . -15.88 14.29 -19.35
O13 ZIT J . -13.92 12.84 -20.13
O14 ZIT J . -13.10 13.85 -16.74
C1A ZIT J . -13.08 20.43 -13.84
C2A ZIT J . -11.86 21.32 -13.90
C3A ZIT J . -11.79 22.18 -12.68
C4A ZIT J . -13.00 23.02 -12.56
C5A ZIT J . -14.25 22.14 -12.54
C6A ZIT J . -15.49 22.93 -12.61
C7A ZIT J . -10.44 23.97 -13.68
C8A ZIT J . -10.36 23.56 -11.32
O1A ZIT J . -13.18 19.64 -15.01
O2A ZIT J . -10.68 20.51 -13.99
N3A ZIT J . -10.53 22.97 -12.65
O5A ZIT J . -14.29 21.25 -13.70
C1B ZIT J . -15.23 16.40 -11.97
C2B ZIT J . -14.75 16.19 -10.57
C3B ZIT J . -14.48 17.47 -9.86
C4B ZIT J . -15.63 18.39 -9.99
C5B ZIT J . -15.91 18.70 -11.44
C6B ZIT J . -17.08 19.64 -11.61
C7B ZIT J . -14.20 17.16 -8.35
C8B ZIT J . -12.10 17.43 -10.28
O1B ZIT J . -14.11 16.63 -12.81
O3B ZIT J . -13.32 18.12 -10.43
O4B ZIT J . -15.25 19.56 -9.27
O5B ZIT J . -16.27 17.47 -12.14
S SO4 K . 2.23 1.50 -23.95
O1 SO4 K . 1.51 2.31 -22.96
O2 SO4 K . 2.91 0.40 -23.25
O3 SO4 K . 1.27 0.96 -24.91
O4 SO4 K . 3.20 2.34 -24.64
CL CL L . -7.47 23.23 -16.99
CL CL M . -18.84 -3.76 -10.11
#